data_8SNE
#
_entry.id   8SNE
#
_cell.length_a   1.00
_cell.length_b   1.00
_cell.length_c   1.00
_cell.angle_alpha   90.00
_cell.angle_beta   90.00
_cell.angle_gamma   90.00
#
_symmetry.space_group_name_H-M   'P 1'
#
loop_
_entity.id
_entity.type
_entity.pdbx_description
1 polymer 'Hyaluronan synthase'
2 polymer 'Nanobody 872'
3 polymer 'Nanobody 886'
4 branched 'beta-D-glucopyranuronic acid-(1-3)-2-acetamido-2-deoxy-beta-D-glucopyranose'
5 non-polymer "URIDINE-5'-DIPHOSPHATE"
6 non-polymer 'CHOLESTEROL HEMISUCCINATE'
7 non-polymer 1,2-Distearoyl-sn-glycerophosphoethanolamine
8 non-polymer 'MANGANESE (II) ION'
#
loop_
_entity_poly.entity_id
_entity_poly.type
_entity_poly.pdbx_seq_one_letter_code
_entity_poly.pdbx_strand_id
1 'polypeptide(L)'
;MGTSWRTIVSANLFAVGGALLMLAPAIVGYVFQWNIGVSAVWGISVYGVFVLGFYIAQIVFSEFNRMRLSDWISLRPDNW
NATRVAVIIAGYREDPFMFKKCLESVRDSEYGNVARLICVIDGDEEEDLKMAEIYKQVYNDNVKKPGVVLCESENKNGST
IDSDVSKNICILQPHRGKRESLYTGFQLASMDPSVHAVVLIDSDTVLEKNAILEVVYPLSCDPNIKAVAGECKIWNTDTI
LSMLVSWRYFSAFNVERGAQSLWKTVQCVGGPLGAYTIDIINEIKDPWITQTFLGNKCTYGDDRRLTNEVLMRGKKIVYT
PFAVGWSDSPTNVMRYIVQQTRWSKSWCREIWYTLGSAWKHGFSGIYLAFECMYQIMYFFLVMYLFSYIAIKADIRAQTA
TVLVSTLVTIIKSSYLALRAKNLKAFYFVLYTYVYFFCMIPARITAMFTMFDIAWGTRGGNAKMTIGARVWLWAKQFLIT
YMWWAGVLAAGVYSIVDNWYFDWADIQYRFALVGICSYLVFVSIVLVIYLIGKITTWNYTPLQKELIEERYLHNASENAP
EVLEHHHHHHHHHH
;
A
2 'polypeptide(L)'
;QVQLVESGGGLVQAGGSLKVSCAASGRAFKTYRMAWFRQAPGKEREFVSGISALETTYYADSVKGRFTISRDNTKNTVSL
QMDSLKPEDTAVYYCAARRYGGTDYTTTGSYDYWGQGTQVTVSSHHHHHHEPEA
;
B
3 'polypeptide(L)'
;QVQLVESGGGSVQPGESLRLSCQASGRIVDVNDMAWYRQAPGKQRELVARIARGGSTHYGDSAWGRFTISRDNTRNTVYL
QMTSLNVEDTAVYYCNGEVKVGTRLSPFRTYWGRGTQVTVSSHHHHHHEPEA
;
C
#
# COMPACT_ATOMS: atom_id res chain seq x y z
N SER A 39 -31.53 13.12 -9.34
CA SER A 39 -30.49 13.25 -8.32
C SER A 39 -29.14 12.77 -8.84
N ALA A 40 -28.50 13.59 -9.68
CA ALA A 40 -27.19 13.27 -10.23
C ALA A 40 -26.12 14.27 -9.82
N VAL A 41 -26.40 15.57 -9.95
CA VAL A 41 -25.39 16.59 -9.66
C VAL A 41 -24.97 16.52 -8.20
N TRP A 42 -25.94 16.35 -7.30
CA TRP A 42 -25.61 16.23 -5.88
C TRP A 42 -24.78 14.99 -5.62
N GLY A 43 -25.11 13.87 -6.26
CA GLY A 43 -24.36 12.65 -6.06
C GLY A 43 -22.91 12.73 -6.49
N ILE A 44 -22.61 13.51 -7.52
CA ILE A 44 -21.24 13.66 -7.99
C ILE A 44 -20.49 14.73 -7.19
N SER A 45 -21.14 15.86 -6.89
CA SER A 45 -20.46 16.89 -6.10
C SER A 45 -20.15 16.39 -4.70
N VAL A 46 -21.09 15.66 -4.08
CA VAL A 46 -20.84 15.09 -2.76
C VAL A 46 -19.69 14.10 -2.81
N TYR A 47 -19.66 13.25 -3.84
CA TYR A 47 -18.57 12.28 -3.96
C TYR A 47 -17.23 12.99 -4.10
N GLY A 48 -17.17 13.99 -4.97
CA GLY A 48 -15.92 14.73 -5.17
C GLY A 48 -15.43 15.42 -3.92
N VAL A 49 -16.32 16.11 -3.20
CA VAL A 49 -15.93 16.75 -1.96
C VAL A 49 -15.50 15.71 -0.93
N PHE A 50 -16.30 14.65 -0.77
CA PHE A 50 -16.06 13.65 0.26
C PHE A 50 -14.72 12.95 0.04
N VAL A 51 -14.29 12.80 -1.21
CA VAL A 51 -13.00 12.19 -1.48
C VAL A 51 -11.87 13.21 -1.32
N LEU A 52 -11.96 14.33 -2.04
CA LEU A 52 -10.82 15.25 -2.13
C LEU A 52 -10.57 15.97 -0.82
N GLY A 53 -11.63 16.38 -0.09
CA GLY A 53 -11.40 17.06 1.17
C GLY A 53 -10.72 16.19 2.20
N PHE A 54 -11.12 14.91 2.29
CA PHE A 54 -10.45 14.01 3.22
C PHE A 54 -9.01 13.74 2.77
N TYR A 55 -8.78 13.61 1.46
CA TYR A 55 -7.41 13.41 1.00
C TYR A 55 -6.53 14.61 1.34
N ILE A 56 -7.08 15.83 1.21
CA ILE A 56 -6.30 17.02 1.54
C ILE A 56 -6.05 17.13 3.03
N ALA A 57 -7.05 16.76 3.85
CA ALA A 57 -6.83 16.74 5.29
C ALA A 57 -5.75 15.73 5.67
N GLN A 58 -5.76 14.57 5.02
CA GLN A 58 -4.72 13.58 5.25
C GLN A 58 -3.35 14.11 4.83
N ILE A 59 -3.30 14.83 3.71
CA ILE A 59 -2.04 15.41 3.25
C ILE A 59 -1.50 16.40 4.28
N VAL A 60 -2.37 17.25 4.81
CA VAL A 60 -1.94 18.26 5.79
C VAL A 60 -1.45 17.58 7.06
N PHE A 61 -2.19 16.59 7.55
CA PHE A 61 -1.77 15.87 8.75
C PHE A 61 -0.45 15.14 8.52
N SER A 62 -0.27 14.55 7.35
CA SER A 62 0.98 13.87 7.02
C SER A 62 2.15 14.84 7.00
N GLU A 63 1.95 16.03 6.43
CA GLU A 63 3.02 17.03 6.42
C GLU A 63 3.37 17.46 7.84
N PHE A 64 2.37 17.64 8.69
CA PHE A 64 2.65 18.03 10.08
C PHE A 64 3.41 16.92 10.81
N ASN A 65 3.02 15.66 10.60
CA ASN A 65 3.75 14.56 11.21
C ASN A 65 5.19 14.50 10.73
N ARG A 66 5.40 14.70 9.42
CA ARG A 66 6.76 14.69 8.88
C ARG A 66 7.60 15.83 9.43
N MET A 67 7.00 17.00 9.59
CA MET A 67 7.73 18.11 10.20
C MET A 67 8.12 17.80 11.63
N ARG A 68 7.21 17.19 12.40
CA ARG A 68 7.54 16.82 13.77
C ARG A 68 8.65 15.79 13.81
N LEU A 69 8.61 14.79 12.92
CA LEU A 69 9.65 13.78 12.90
C LEU A 69 10.99 14.36 12.48
N SER A 70 10.98 15.31 11.54
CA SER A 70 12.22 15.97 11.15
C SER A 70 12.78 16.82 12.28
N ASP A 71 11.90 17.43 13.08
CA ASP A 71 12.36 18.14 14.27
C ASP A 71 12.98 17.17 15.27
N TRP A 72 12.40 15.98 15.42
CA TRP A 72 12.97 14.98 16.30
C TRP A 72 14.33 14.49 15.80
N ILE A 73 14.47 14.29 14.49
CA ILE A 73 15.72 13.81 13.92
C ILE A 73 16.83 14.83 14.11
N SER A 74 16.54 16.11 13.86
CA SER A 74 17.46 17.14 14.29
C SER A 74 17.55 17.15 15.81
N LEU A 75 18.65 17.71 16.32
CA LEU A 75 18.95 17.75 17.74
C LEU A 75 19.40 16.38 18.24
N ARG A 76 19.34 15.37 17.38
CA ARG A 76 19.88 14.05 17.72
C ARG A 76 21.40 14.10 17.66
N PRO A 77 22.11 13.63 18.68
CA PRO A 77 23.57 13.66 18.66
C PRO A 77 24.13 12.80 17.53
N ASP A 78 25.25 13.23 16.98
CA ASP A 78 25.91 12.48 15.93
C ASP A 78 26.45 11.17 16.48
N ASN A 79 26.37 10.12 15.66
CA ASN A 79 26.73 8.76 16.07
C ASN A 79 25.97 8.37 17.34
N TRP A 80 24.64 8.32 17.20
CA TRP A 80 23.76 7.97 18.31
C TRP A 80 23.42 6.49 18.25
N ASN A 81 23.66 5.79 19.36
CA ASN A 81 23.18 4.42 19.52
C ASN A 81 22.96 4.19 21.01
N ALA A 82 21.71 4.12 21.42
CA ALA A 82 21.36 3.93 22.82
C ALA A 82 20.41 2.77 23.02
N THR A 83 19.50 2.53 22.08
CA THR A 83 18.53 1.45 22.19
C THR A 83 19.16 0.18 21.61
N ARG A 84 19.48 -0.77 22.48
CA ARG A 84 19.98 -2.06 22.01
C ARG A 84 18.85 -2.78 21.29
N VAL A 85 19.14 -3.28 20.09
CA VAL A 85 18.12 -3.72 19.15
C VAL A 85 18.39 -5.16 18.76
N ALA A 86 17.35 -5.99 18.80
CA ALA A 86 17.40 -7.35 18.27
C ALA A 86 16.62 -7.38 16.97
N VAL A 87 17.26 -7.82 15.89
CA VAL A 87 16.63 -7.87 14.59
C VAL A 87 16.06 -9.26 14.37
N ILE A 88 14.79 -9.33 13.97
CA ILE A 88 14.10 -10.60 13.78
C ILE A 88 13.62 -10.69 12.33
N ILE A 89 14.01 -11.77 11.68
CA ILE A 89 13.56 -12.11 10.33
C ILE A 89 12.79 -13.42 10.41
N ALA A 90 11.60 -13.43 9.83
CA ALA A 90 10.82 -14.65 9.69
C ALA A 90 10.54 -14.89 8.21
N GLY A 91 10.95 -16.05 7.71
CA GLY A 91 10.78 -16.36 6.31
C GLY A 91 10.32 -17.79 6.13
N TYR A 92 9.77 -18.05 4.96
CA TYR A 92 9.26 -19.38 4.64
C TYR A 92 9.44 -19.61 3.15
N ARG A 93 10.44 -20.40 2.78
CA ARG A 93 10.73 -20.73 1.39
C ARG A 93 10.90 -19.44 0.57
N GLU A 94 11.92 -18.68 0.94
CA GLU A 94 12.19 -17.40 0.30
C GLU A 94 13.07 -17.60 -0.93
N ASP A 95 13.06 -16.59 -1.80
CA ASP A 95 13.98 -16.57 -2.93
C ASP A 95 15.40 -16.46 -2.40
N PRO A 96 16.32 -17.33 -2.84
CA PRO A 96 17.69 -17.25 -2.31
C PRO A 96 18.37 -15.91 -2.55
N PHE A 97 18.17 -15.31 -3.72
CA PHE A 97 18.82 -14.04 -4.01
C PHE A 97 18.29 -12.93 -3.12
N MET A 98 16.96 -12.83 -3.00
CA MET A 98 16.40 -11.78 -2.15
C MET A 98 16.70 -12.01 -0.69
N PHE A 99 16.75 -13.27 -0.25
CA PHE A 99 17.14 -13.56 1.12
C PHE A 99 18.58 -13.13 1.39
N LYS A 100 19.49 -13.42 0.46
CA LYS A 100 20.87 -12.98 0.63
C LYS A 100 20.97 -11.46 0.64
N LYS A 101 20.21 -10.79 -0.23
CA LYS A 101 20.22 -9.33 -0.25
C LYS A 101 19.70 -8.77 1.06
N CYS A 102 18.64 -9.37 1.62
CA CYS A 102 18.11 -8.92 2.90
C CYS A 102 19.13 -9.08 4.02
N LEU A 103 19.75 -10.25 4.09
CA LEU A 103 20.74 -10.49 5.14
C LEU A 103 21.93 -9.55 5.01
N GLU A 104 22.40 -9.32 3.78
CA GLU A 104 23.54 -8.43 3.58
C GLU A 104 23.17 -6.98 3.89
N SER A 105 21.94 -6.58 3.57
CA SER A 105 21.48 -5.23 3.93
C SER A 105 21.41 -5.07 5.44
N VAL A 106 21.02 -6.12 6.16
CA VAL A 106 21.08 -6.07 7.61
C VAL A 106 22.53 -5.96 8.09
N ARG A 107 23.42 -6.74 7.48
CA ARG A 107 24.82 -6.75 7.92
C ARG A 107 25.51 -5.43 7.63
N ASP A 108 25.13 -4.75 6.56
CA ASP A 108 25.75 -3.48 6.17
C ASP A 108 25.15 -2.29 6.89
N SER A 109 24.19 -2.50 7.78
CA SER A 109 23.54 -1.38 8.46
C SER A 109 24.53 -0.65 9.34
N GLU A 110 24.31 0.65 9.50
CA GLU A 110 25.21 1.53 10.22
C GLU A 110 24.73 1.82 11.65
N TYR A 111 24.11 0.85 12.30
CA TYR A 111 23.69 0.97 13.69
C TYR A 111 24.69 0.22 14.56
N GLY A 112 25.26 0.91 15.53
CA GLY A 112 26.32 0.38 16.35
C GLY A 112 25.93 -0.28 17.65
N ASN A 113 24.64 -0.50 17.89
CA ASN A 113 24.18 -1.12 19.12
C ASN A 113 23.15 -2.20 18.81
N VAL A 114 23.46 -3.06 17.85
CA VAL A 114 22.63 -4.23 17.56
C VAL A 114 23.13 -5.40 18.37
N ALA A 115 22.24 -6.02 19.15
CA ALA A 115 22.62 -7.15 19.98
C ALA A 115 22.97 -8.35 19.12
N ARG A 116 22.01 -8.86 18.36
CA ARG A 116 22.25 -10.00 17.49
C ARG A 116 21.10 -10.10 16.49
N LEU A 117 21.31 -10.90 15.46
CA LEU A 117 20.30 -11.22 14.47
C LEU A 117 19.67 -12.55 14.81
N ILE A 118 18.36 -12.56 15.00
CA ILE A 118 17.60 -13.78 15.26
C ILE A 118 16.86 -14.12 13.98
N CYS A 119 17.20 -15.24 13.37
CA CYS A 119 16.55 -15.71 12.16
C CYS A 119 15.72 -16.94 12.51
N VAL A 120 14.42 -16.88 12.27
CA VAL A 120 13.50 -17.97 12.56
C VAL A 120 12.90 -18.44 11.25
N ILE A 121 12.95 -19.75 11.01
CA ILE A 121 12.49 -20.34 9.77
C ILE A 121 11.47 -21.42 10.11
N ASP A 122 10.35 -21.42 9.38
CA ASP A 122 9.43 -22.55 9.43
C ASP A 122 10.06 -23.71 8.66
N GLY A 123 11.10 -24.31 9.23
CA GLY A 123 11.90 -25.26 8.49
C GLY A 123 11.78 -26.70 8.93
N ASP A 124 12.85 -27.25 9.49
CA ASP A 124 12.92 -28.62 9.97
C ASP A 124 12.86 -29.63 8.83
N GLU A 125 12.71 -29.15 7.60
CA GLU A 125 12.61 -30.01 6.43
C GLU A 125 13.89 -29.90 5.59
N GLU A 126 13.96 -30.72 4.54
CA GLU A 126 15.11 -30.70 3.66
C GLU A 126 15.07 -29.51 2.71
N GLU A 127 13.87 -29.13 2.26
CA GLU A 127 13.76 -28.01 1.33
C GLU A 127 14.07 -26.68 2.00
N ASP A 128 13.73 -26.54 3.28
CA ASP A 128 13.97 -25.31 4.01
C ASP A 128 15.40 -25.19 4.51
N LEU A 129 16.28 -26.13 4.16
CA LEU A 129 17.68 -26.03 4.56
C LEU A 129 18.49 -25.11 3.64
N LYS A 130 17.96 -24.75 2.48
CA LYS A 130 18.68 -23.81 1.61
C LYS A 130 18.76 -22.43 2.22
N MET A 131 17.70 -21.98 2.89
CA MET A 131 17.76 -20.70 3.59
C MET A 131 18.77 -20.75 4.73
N ALA A 132 18.84 -21.88 5.44
CA ALA A 132 19.84 -22.04 6.48
C ALA A 132 21.25 -21.99 5.90
N GLU A 133 21.45 -22.60 4.73
CA GLU A 133 22.77 -22.56 4.09
C GLU A 133 23.14 -21.14 3.67
N ILE A 134 22.17 -20.37 3.18
CA ILE A 134 22.43 -18.98 2.83
C ILE A 134 22.82 -18.19 4.08
N TYR A 135 22.10 -18.39 5.17
CA TYR A 135 22.47 -17.73 6.43
C TYR A 135 23.89 -18.10 6.83
N LYS A 136 24.23 -19.39 6.74
CA LYS A 136 25.57 -19.83 7.11
C LYS A 136 26.63 -19.21 6.23
N GLN A 137 26.31 -18.95 4.97
CA GLN A 137 27.30 -18.36 4.08
C GLN A 137 27.36 -16.84 4.15
N VAL A 138 26.38 -16.20 4.80
CA VAL A 138 26.47 -14.77 5.05
C VAL A 138 26.82 -14.52 6.51
N TYR A 139 26.35 -15.39 7.39
CA TYR A 139 26.45 -15.19 8.84
C TYR A 139 27.10 -16.42 9.47
N ASN A 140 26.99 -16.52 10.80
CA ASN A 140 27.43 -17.67 11.58
C ASN A 140 26.95 -19.01 11.08
N ASP A 141 27.64 -20.08 11.47
CA ASP A 141 27.13 -21.45 11.35
C ASP A 141 26.43 -21.89 12.62
N ASN A 142 25.47 -21.10 13.07
CA ASN A 142 24.83 -21.27 14.38
C ASN A 142 23.36 -21.63 14.23
N VAL A 143 23.06 -22.56 13.32
CA VAL A 143 21.70 -23.04 13.15
C VAL A 143 21.36 -24.01 14.26
N LYS A 144 20.17 -23.87 14.82
CA LYS A 144 19.65 -24.76 15.85
C LYS A 144 18.36 -25.39 15.34
N LYS A 145 18.19 -26.68 15.60
CA LYS A 145 17.07 -27.46 15.08
C LYS A 145 16.36 -28.14 16.23
N PRO A 146 15.58 -27.40 17.01
CA PRO A 146 14.83 -28.02 18.11
C PRO A 146 13.68 -28.85 17.57
N GLY A 147 13.26 -29.81 18.37
CA GLY A 147 12.17 -30.66 17.96
C GLY A 147 10.79 -30.11 18.21
N VAL A 148 10.68 -28.96 18.88
CA VAL A 148 9.40 -28.43 19.29
C VAL A 148 9.36 -26.93 19.03
N VAL A 149 8.14 -26.40 18.95
CA VAL A 149 7.89 -24.96 18.87
C VAL A 149 7.69 -24.44 20.28
N LEU A 150 8.17 -23.23 20.55
CA LEU A 150 8.17 -22.72 21.91
C LEU A 150 6.76 -22.51 22.45
N CYS A 151 5.85 -21.99 21.61
CA CYS A 151 4.53 -21.64 22.09
C CYS A 151 3.75 -22.86 22.57
N GLU A 152 4.03 -24.04 22.05
CA GLU A 152 3.38 -25.28 22.47
C GLU A 152 4.34 -26.05 23.38
N SER A 153 4.35 -25.65 24.65
CA SER A 153 5.16 -26.32 25.67
C SER A 153 4.83 -25.76 27.05
N GLU A 154 5.02 -26.57 28.10
CA GLU A 154 4.78 -26.06 29.45
C GLU A 154 5.87 -25.09 29.88
N ASN A 155 7.03 -25.13 29.24
CA ASN A 155 8.12 -24.19 29.49
C ASN A 155 8.34 -23.38 28.22
N LYS A 156 7.91 -22.13 28.22
CA LYS A 156 7.98 -21.26 27.05
C LYS A 156 9.22 -20.38 27.04
N ASN A 157 10.13 -20.54 27.99
CA ASN A 157 11.35 -19.76 27.98
C ASN A 157 12.25 -20.20 26.82
N GLY A 158 13.04 -19.26 26.32
CA GLY A 158 13.95 -19.54 25.24
C GLY A 158 15.22 -20.25 25.63
N SER A 159 15.45 -20.45 26.93
CA SER A 159 16.67 -21.13 27.38
C SER A 159 16.73 -22.58 26.93
N THR A 160 15.59 -23.19 26.60
CA THR A 160 15.57 -24.57 26.15
C THR A 160 16.15 -24.73 24.75
N ILE A 161 16.39 -23.63 24.02
CA ILE A 161 16.90 -23.72 22.66
C ILE A 161 18.12 -22.82 22.49
N ASP A 162 18.36 -21.94 23.46
CA ASP A 162 19.44 -20.97 23.38
C ASP A 162 20.25 -20.99 24.65
N SER A 163 21.57 -20.87 24.51
CA SER A 163 22.46 -20.84 25.66
C SER A 163 23.42 -19.65 25.60
N ASP A 164 23.77 -19.23 24.39
CA ASP A 164 24.64 -18.08 24.18
C ASP A 164 23.81 -16.95 23.58
N VAL A 165 23.76 -15.81 24.28
CA VAL A 165 22.92 -14.69 23.87
C VAL A 165 23.75 -13.71 23.05
N SER A 166 24.94 -14.13 22.64
CA SER A 166 25.85 -13.27 21.91
C SER A 166 25.88 -13.54 20.41
N LYS A 167 25.87 -14.79 20.00
CA LYS A 167 25.99 -15.16 18.60
C LYS A 167 24.65 -15.00 17.89
N ASN A 168 24.71 -14.50 16.66
CA ASN A 168 23.52 -14.51 15.82
C ASN A 168 23.06 -15.95 15.64
N ILE A 169 21.75 -16.18 15.78
CA ILE A 169 21.21 -17.52 15.84
C ILE A 169 20.20 -17.73 14.72
N CYS A 170 20.22 -18.93 14.15
CA CYS A 170 19.21 -19.37 13.19
C CYS A 170 18.46 -20.55 13.80
N ILE A 171 17.13 -20.51 13.73
CA ILE A 171 16.29 -21.55 14.30
C ILE A 171 15.45 -22.15 13.17
N LEU A 172 15.38 -23.48 13.13
CA LEU A 172 14.57 -24.20 12.15
C LEU A 172 13.36 -24.78 12.88
N GLN A 173 12.30 -23.99 12.94
CA GLN A 173 11.06 -24.40 13.56
C GLN A 173 10.36 -25.45 12.72
N PRO A 174 9.48 -26.25 13.33
CA PRO A 174 8.48 -26.97 12.54
C PRO A 174 7.49 -25.98 11.93
N HIS A 175 6.97 -26.33 10.76
CA HIS A 175 6.09 -25.44 10.03
C HIS A 175 4.76 -25.29 10.78
N ARG A 176 4.54 -24.10 11.35
CA ARG A 176 3.29 -23.83 12.07
C ARG A 176 2.67 -22.52 11.61
N GLY A 177 3.49 -21.56 11.19
CA GLY A 177 2.99 -20.29 10.72
C GLY A 177 3.83 -19.10 11.11
N LYS A 178 3.49 -17.93 10.55
CA LYS A 178 4.28 -16.72 10.84
C LYS A 178 4.20 -16.36 12.30
N ARG A 179 3.03 -16.52 12.91
CA ARG A 179 2.85 -16.13 14.31
C ARG A 179 3.76 -16.93 15.23
N GLU A 180 3.91 -18.23 14.96
CA GLU A 180 4.75 -19.08 15.80
C GLU A 180 6.23 -18.71 15.67
N SER A 181 6.69 -18.45 14.44
CA SER A 181 8.08 -18.04 14.25
C SER A 181 8.35 -16.68 14.92
N LEU A 182 7.42 -15.74 14.80
CA LEU A 182 7.56 -14.49 15.52
C LEU A 182 7.54 -14.70 17.03
N TYR A 183 6.77 -15.67 17.51
CA TYR A 183 6.78 -16.00 18.93
C TYR A 183 8.15 -16.48 19.38
N THR A 184 8.77 -17.36 18.60
CA THR A 184 10.12 -17.82 18.93
C THR A 184 11.11 -16.66 18.89
N GLY A 185 10.95 -15.76 17.92
CA GLY A 185 11.82 -14.58 17.89
C GLY A 185 11.66 -13.72 19.12
N PHE A 186 10.41 -13.51 19.56
CA PHE A 186 10.17 -12.74 20.79
C PHE A 186 10.81 -13.42 21.99
N GLN A 187 10.69 -14.75 22.08
CA GLN A 187 11.26 -15.46 23.21
C GLN A 187 12.78 -15.38 23.22
N LEU A 188 13.41 -15.51 22.04
CA LEU A 188 14.86 -15.43 21.96
C LEU A 188 15.36 -14.03 22.24
N ALA A 189 14.62 -13.01 21.83
CA ALA A 189 15.04 -11.63 22.08
C ALA A 189 14.80 -11.20 23.52
N SER A 190 13.76 -11.72 24.16
CA SER A 190 13.37 -11.25 25.48
C SER A 190 14.08 -11.97 26.61
N MET A 191 14.84 -13.02 26.32
CA MET A 191 15.59 -13.73 27.36
C MET A 191 16.97 -13.15 27.57
N ASP A 192 17.35 -12.13 26.82
CA ASP A 192 18.58 -11.40 27.06
C ASP A 192 18.23 -10.11 27.77
N PRO A 193 18.61 -9.92 29.04
CA PRO A 193 18.20 -8.73 29.80
C PRO A 193 18.98 -7.48 29.43
N SER A 194 19.22 -7.30 28.13
CA SER A 194 19.83 -6.08 27.60
C SER A 194 19.13 -5.54 26.37
N VAL A 195 18.37 -6.36 25.64
CA VAL A 195 17.66 -5.88 24.45
C VAL A 195 16.54 -4.96 24.88
N HIS A 196 16.44 -3.80 24.24
CA HIS A 196 15.39 -2.84 24.53
C HIS A 196 14.28 -2.82 23.48
N ALA A 197 14.58 -3.21 22.25
CA ALA A 197 13.58 -3.18 21.20
C ALA A 197 13.89 -4.26 20.18
N VAL A 198 12.87 -4.64 19.42
CA VAL A 198 12.99 -5.63 18.36
C VAL A 198 12.57 -4.99 17.06
N VAL A 199 13.39 -5.16 16.04
CA VAL A 199 13.09 -4.68 14.69
C VAL A 199 12.67 -5.89 13.87
N LEU A 200 11.40 -5.94 13.51
CA LEU A 200 10.85 -7.04 12.72
C LEU A 200 10.91 -6.66 11.25
N ILE A 201 11.58 -7.50 10.44
CA ILE A 201 11.60 -7.29 9.00
C ILE A 201 11.25 -8.61 8.32
N ASP A 202 10.89 -8.50 7.05
CA ASP A 202 10.56 -9.67 6.26
C ASP A 202 11.81 -10.29 5.68
N SER A 203 11.65 -11.36 4.91
CA SER A 203 12.77 -12.06 4.30
C SER A 203 13.07 -11.58 2.88
N ASP A 204 12.37 -10.57 2.40
CA ASP A 204 12.60 -10.04 1.07
C ASP A 204 12.92 -8.55 1.04
N THR A 205 12.98 -7.89 2.19
CA THR A 205 13.21 -6.46 2.22
C THR A 205 14.69 -6.13 2.21
N VAL A 206 15.07 -5.17 1.38
CA VAL A 206 16.44 -4.68 1.29
C VAL A 206 16.46 -3.35 2.05
N LEU A 207 17.04 -3.35 3.24
CA LEU A 207 17.08 -2.14 4.04
C LEU A 207 18.14 -1.18 3.50
N GLU A 208 17.92 0.11 3.74
CA GLU A 208 18.95 1.09 3.52
C GLU A 208 19.91 1.13 4.70
N LYS A 209 21.06 1.76 4.50
CA LYS A 209 22.11 1.71 5.51
C LYS A 209 21.69 2.33 6.83
N ASN A 210 20.68 3.20 6.84
CA ASN A 210 20.20 3.84 8.05
C ASN A 210 18.76 3.45 8.38
N ALA A 211 18.26 2.35 7.81
CA ALA A 211 16.89 1.94 8.08
C ALA A 211 16.68 1.56 9.53
N ILE A 212 17.63 0.82 10.12
CA ILE A 212 17.48 0.39 11.51
C ILE A 212 17.58 1.58 12.45
N LEU A 213 18.43 2.55 12.12
CA LEU A 213 18.59 3.71 13.00
C LEU A 213 17.31 4.54 13.07
N GLU A 214 16.59 4.65 11.95
CA GLU A 214 15.45 5.54 11.89
C GLU A 214 14.14 4.93 12.36
N VAL A 215 14.10 3.63 12.63
CA VAL A 215 12.90 3.03 13.23
C VAL A 215 12.99 3.02 14.75
N VAL A 216 14.19 2.81 15.30
CA VAL A 216 14.33 2.70 16.75
C VAL A 216 14.59 4.04 17.40
N TYR A 217 14.72 5.11 16.63
CA TYR A 217 14.89 6.42 17.24
C TYR A 217 13.57 6.96 17.79
N PRO A 218 12.46 6.90 17.05
CA PRO A 218 11.20 7.42 17.61
C PRO A 218 10.76 6.72 18.88
N LEU A 219 11.19 5.49 19.13
CA LEU A 219 10.87 4.83 20.37
C LEU A 219 11.44 5.59 21.57
N SER A 220 12.49 6.37 21.35
CA SER A 220 13.18 7.08 22.41
C SER A 220 12.68 8.50 22.61
N CYS A 221 11.70 8.94 21.83
CA CYS A 221 11.25 10.33 21.88
C CYS A 221 10.01 10.55 22.72
N ASP A 222 9.22 9.49 22.99
CA ASP A 222 8.01 9.58 23.76
C ASP A 222 7.90 8.28 24.57
N PRO A 223 7.79 8.35 25.90
CA PRO A 223 7.66 7.12 26.69
C PRO A 223 6.31 6.42 26.55
N ASN A 224 5.42 6.89 25.68
CA ASN A 224 4.21 6.16 25.36
C ASN A 224 4.23 5.52 23.98
N ILE A 225 5.21 5.85 23.16
CA ILE A 225 5.35 5.22 21.84
C ILE A 225 5.96 3.84 22.04
N LYS A 226 5.23 2.81 21.65
CA LYS A 226 5.73 1.45 21.81
C LYS A 226 5.96 0.74 20.48
N ALA A 227 5.43 1.25 19.38
CA ALA A 227 5.65 0.67 18.07
C ALA A 227 5.96 1.78 17.08
N VAL A 228 6.74 1.45 16.06
CA VAL A 228 7.10 2.36 14.98
C VAL A 228 7.00 1.60 13.67
N ALA A 229 6.46 2.25 12.64
CA ALA A 229 6.37 1.67 11.31
C ALA A 229 7.28 2.41 10.36
N GLY A 230 8.03 1.68 9.54
CA GLY A 230 8.89 2.29 8.55
C GLY A 230 8.25 2.25 7.17
N GLU A 231 8.76 3.10 6.29
CA GLU A 231 8.27 3.12 4.92
C GLU A 231 8.69 1.86 4.18
N CYS A 232 7.77 1.32 3.39
CA CYS A 232 8.05 0.22 2.49
C CYS A 232 7.89 0.71 1.06
N LYS A 233 8.94 0.52 0.26
CA LYS A 233 8.96 0.97 -1.12
C LYS A 233 9.02 -0.22 -2.05
N ILE A 234 8.21 -0.19 -3.10
CA ILE A 234 8.23 -1.24 -4.11
C ILE A 234 9.36 -0.96 -5.09
N TRP A 235 10.18 -1.97 -5.37
CA TRP A 235 11.32 -1.79 -6.25
C TRP A 235 11.16 -2.38 -7.63
N ASN A 236 10.25 -3.33 -7.83
CA ASN A 236 10.13 -4.02 -9.11
C ASN A 236 9.01 -3.41 -9.94
N THR A 237 9.24 -2.17 -10.37
CA THR A 237 8.27 -1.45 -11.18
C THR A 237 8.53 -1.64 -12.67
N ASP A 238 8.60 -2.90 -13.11
CA ASP A 238 8.80 -3.23 -14.51
C ASP A 238 7.52 -3.72 -15.18
N THR A 239 6.38 -3.66 -14.49
CA THR A 239 5.09 -3.95 -15.07
C THR A 239 4.11 -2.87 -14.66
N ILE A 240 3.04 -2.72 -15.44
CA ILE A 240 2.09 -1.63 -15.18
C ILE A 240 1.38 -1.84 -13.85
N LEU A 241 0.98 -3.07 -13.55
CA LEU A 241 0.37 -3.36 -12.26
C LEU A 241 1.34 -3.05 -11.13
N SER A 242 2.61 -3.46 -11.30
CA SER A 242 3.61 -3.20 -10.26
C SER A 242 3.84 -1.72 -10.05
N MET A 243 3.88 -0.94 -11.14
CA MET A 243 4.07 0.50 -10.99
C MET A 243 2.89 1.15 -10.27
N LEU A 244 1.66 0.77 -10.66
CA LEU A 244 0.49 1.32 -9.99
C LEU A 244 0.46 0.95 -8.52
N VAL A 245 0.82 -0.30 -8.20
CA VAL A 245 0.87 -0.72 -6.80
C VAL A 245 1.98 -0.01 -6.04
N SER A 246 3.10 0.29 -6.70
CA SER A 246 4.15 1.05 -6.05
C SER A 246 3.67 2.45 -5.67
N TRP A 247 2.95 3.11 -6.57
CA TRP A 247 2.43 4.43 -6.24
C TRP A 247 1.31 4.35 -5.22
N ARG A 248 0.53 3.27 -5.23
CA ARG A 248 -0.46 3.05 -4.18
C ARG A 248 0.21 2.91 -2.82
N TYR A 249 1.33 2.17 -2.77
CA TYR A 249 2.08 2.04 -1.53
C TYR A 249 2.64 3.38 -1.07
N PHE A 250 3.16 4.17 -2.00
CA PHE A 250 3.66 5.50 -1.66
C PHE A 250 2.55 6.35 -1.06
N SER A 251 1.37 6.33 -1.66
CA SER A 251 0.23 7.08 -1.13
C SER A 251 -0.20 6.54 0.24
N ALA A 252 -0.26 5.22 0.39
CA ALA A 252 -0.78 4.61 1.60
C ALA A 252 0.18 4.72 2.77
N PHE A 253 1.46 4.93 2.51
CA PHE A 253 2.44 5.12 3.58
C PHE A 253 2.68 6.59 3.88
N ASN A 254 2.99 7.39 2.86
CA ASN A 254 3.38 8.78 3.10
C ASN A 254 2.21 9.72 3.31
N VAL A 255 0.98 9.27 3.12
CA VAL A 255 -0.18 10.15 3.31
C VAL A 255 -1.09 9.57 4.37
N GLU A 256 -1.58 8.34 4.16
CA GLU A 256 -2.50 7.74 5.11
C GLU A 256 -1.82 7.45 6.43
N ARG A 257 -0.66 6.78 6.39
CA ARG A 257 0.02 6.42 7.63
C ARG A 257 0.62 7.64 8.31
N GLY A 258 1.06 8.64 7.55
CA GLY A 258 1.51 9.88 8.18
C GLY A 258 0.36 10.62 8.86
N ALA A 259 -0.80 10.65 8.22
CA ALA A 259 -1.96 11.27 8.85
C ALA A 259 -2.35 10.54 10.13
N GLN A 260 -2.31 9.20 10.09
CA GLN A 260 -2.58 8.43 11.30
C GLN A 260 -1.53 8.71 12.37
N SER A 261 -0.27 8.80 11.98
CA SER A 261 0.82 8.97 12.94
C SER A 261 0.90 10.38 13.53
N LEU A 262 0.23 11.36 12.91
CA LEU A 262 0.18 12.67 13.54
C LEU A 262 -0.47 12.59 14.92
N TRP A 263 -1.50 11.77 15.06
CA TRP A 263 -2.17 11.53 16.32
C TRP A 263 -1.61 10.32 17.07
N LYS A 264 -0.60 9.66 16.52
CA LYS A 264 0.05 8.49 17.13
C LYS A 264 -0.93 7.34 17.30
N THR A 265 -1.69 7.06 16.25
CA THR A 265 -2.64 5.95 16.24
C THR A 265 -2.55 5.17 14.93
N VAL A 266 -1.33 4.81 14.52
CA VAL A 266 -1.15 4.10 13.26
C VAL A 266 -1.86 2.75 13.36
N GLN A 267 -2.76 2.49 12.42
CA GLN A 267 -3.62 1.31 12.51
C GLN A 267 -2.85 0.02 12.28
N CYS A 268 -1.95 0.01 11.30
CA CYS A 268 -1.19 -1.20 10.97
C CYS A 268 0.28 -0.85 10.88
N VAL A 269 1.10 -1.61 11.61
CA VAL A 269 2.55 -1.49 11.49
C VAL A 269 2.99 -2.38 10.33
N GLY A 270 3.66 -1.77 9.36
CA GLY A 270 4.07 -2.49 8.17
C GLY A 270 4.91 -3.72 8.45
N GLY A 271 4.56 -4.83 7.82
CA GLY A 271 5.28 -6.06 8.00
C GLY A 271 6.76 -5.98 7.61
N PRO A 272 7.05 -5.42 6.44
CA PRO A 272 8.45 -5.34 6.00
C PRO A 272 9.39 -4.60 6.95
N LEU A 273 8.93 -3.58 7.67
CA LEU A 273 9.83 -2.81 8.53
C LEU A 273 9.04 -2.26 9.71
N GLY A 274 9.18 -2.89 10.87
CA GLY A 274 8.56 -2.37 12.07
C GLY A 274 9.49 -2.51 13.26
N ALA A 275 9.16 -1.75 14.31
CA ALA A 275 9.91 -1.82 15.56
C ALA A 275 8.92 -1.84 16.72
N TYR A 276 9.18 -2.72 17.69
CA TYR A 276 8.38 -2.80 18.90
C TYR A 276 9.29 -2.78 20.11
N THR A 277 8.90 -2.05 21.15
CA THR A 277 9.62 -2.16 22.41
C THR A 277 9.46 -3.56 22.98
N ILE A 278 10.45 -3.98 23.77
CA ILE A 278 10.43 -5.34 24.29
C ILE A 278 9.34 -5.51 25.34
N ASP A 279 9.03 -4.45 26.11
CA ASP A 279 8.04 -4.59 27.16
C ASP A 279 6.65 -4.85 26.59
N ILE A 280 6.24 -4.09 25.57
CA ILE A 280 4.94 -4.31 24.96
C ILE A 280 4.89 -5.67 24.29
N ILE A 281 6.02 -6.14 23.75
CA ILE A 281 6.05 -7.50 23.21
C ILE A 281 5.79 -8.51 24.31
N ASN A 282 6.40 -8.30 25.48
CA ASN A 282 6.18 -9.22 26.59
C ASN A 282 4.72 -9.23 27.02
N GLU A 283 4.08 -8.07 27.07
CA GLU A 283 2.68 -8.04 27.53
C GLU A 283 1.71 -8.59 26.49
N ILE A 284 1.88 -8.25 25.21
CA ILE A 284 0.88 -8.57 24.20
C ILE A 284 1.19 -9.84 23.41
N LYS A 285 2.29 -10.52 23.72
CA LYS A 285 2.66 -11.70 22.95
C LYS A 285 1.71 -12.86 23.23
N ASP A 286 1.40 -13.12 24.48
CA ASP A 286 0.56 -14.27 24.83
C ASP A 286 -0.85 -14.18 24.28
N PRO A 287 -1.60 -13.07 24.45
CA PRO A 287 -2.92 -13.00 23.83
C PRO A 287 -2.89 -13.09 22.32
N TRP A 288 -1.79 -12.64 21.69
CA TRP A 288 -1.71 -12.66 20.23
C TRP A 288 -1.51 -14.07 19.70
N ILE A 289 -0.95 -14.97 20.50
CA ILE A 289 -0.63 -16.32 20.04
C ILE A 289 -1.65 -17.35 20.48
N THR A 290 -2.50 -17.03 21.44
CA THR A 290 -3.55 -17.96 21.85
C THR A 290 -4.93 -17.39 21.58
N GLN A 291 -5.13 -16.81 20.40
CA GLN A 291 -6.44 -16.31 20.02
C GLN A 291 -7.06 -17.24 18.97
N THR A 299 -5.07 -15.90 11.12
CA THR A 299 -3.92 -16.34 10.34
C THR A 299 -3.10 -15.15 9.85
N TYR A 300 -3.66 -14.39 8.92
CA TYR A 300 -2.98 -13.27 8.28
C TYR A 300 -3.18 -11.96 9.03
N GLY A 301 -3.68 -12.00 10.25
CA GLY A 301 -3.83 -10.81 11.06
C GLY A 301 -2.58 -10.36 11.77
N ASP A 302 -1.48 -11.07 11.59
CA ASP A 302 -0.21 -10.65 12.19
C ASP A 302 0.19 -9.30 11.63
N ASP A 303 0.89 -8.51 12.45
CA ASP A 303 1.33 -7.14 12.19
C ASP A 303 0.15 -6.20 12.08
N ARG A 304 -1.06 -6.75 12.13
CA ARG A 304 -2.29 -6.00 12.28
C ARG A 304 -2.98 -6.30 13.60
N ARG A 305 -2.91 -7.54 14.08
CA ARG A 305 -3.36 -7.85 15.42
C ARG A 305 -2.35 -7.43 16.48
N LEU A 306 -1.06 -7.40 16.14
CA LEU A 306 -0.07 -6.85 17.07
C LEU A 306 -0.28 -5.35 17.27
N THR A 307 -0.45 -4.62 16.16
CA THR A 307 -0.78 -3.21 16.25
C THR A 307 -2.08 -3.01 17.00
N ASN A 308 -3.05 -3.89 16.78
CA ASN A 308 -4.32 -3.79 17.48
C ASN A 308 -4.16 -4.03 18.97
N GLU A 309 -3.31 -4.97 19.37
CA GLU A 309 -3.09 -5.20 20.79
C GLU A 309 -2.43 -3.99 21.43
N VAL A 310 -1.46 -3.39 20.75
CA VAL A 310 -0.85 -2.16 21.26
C VAL A 310 -1.91 -1.07 21.36
N LEU A 311 -2.86 -1.04 20.44
CA LEU A 311 -3.89 0.00 20.48
C LEU A 311 -4.88 -0.21 21.63
N MET A 312 -5.38 -1.44 21.82
CA MET A 312 -6.25 -1.68 22.97
C MET A 312 -5.52 -1.53 24.30
N ARG A 313 -4.20 -1.66 24.33
CA ARG A 313 -3.53 -1.33 25.58
C ARG A 313 -3.44 0.17 25.83
N GLY A 314 -3.95 0.98 24.91
CA GLY A 314 -3.86 2.43 25.03
C GLY A 314 -2.46 2.98 24.87
N LYS A 315 -1.68 2.41 23.96
CA LYS A 315 -0.31 2.84 23.70
C LYS A 315 -0.21 3.44 22.31
N LYS A 316 0.76 4.32 22.13
CA LYS A 316 0.87 5.10 20.90
C LYS A 316 1.82 4.45 19.91
N ILE A 317 1.56 4.69 18.63
CA ILE A 317 2.32 4.12 17.52
C ILE A 317 2.51 5.20 16.47
N VAL A 318 3.73 5.36 15.97
CA VAL A 318 4.04 6.38 14.99
C VAL A 318 4.62 5.72 13.74
N TYR A 319 4.74 6.51 12.68
CA TYR A 319 5.32 6.08 11.42
C TYR A 319 6.36 7.10 10.98
N THR A 320 7.56 6.63 10.65
CA THR A 320 8.64 7.52 10.24
C THR A 320 8.96 7.31 8.77
N PRO A 321 8.93 8.37 7.95
CA PRO A 321 9.18 8.20 6.52
C PRO A 321 10.66 8.15 6.15
N PHE A 322 11.56 8.31 7.11
CA PHE A 322 13.00 8.31 6.86
C PHE A 322 13.62 6.93 7.00
N ALA A 323 12.82 5.90 7.26
CA ALA A 323 13.29 4.52 7.31
C ALA A 323 12.65 3.78 6.14
N VAL A 324 13.48 3.40 5.17
CA VAL A 324 12.99 2.82 3.91
C VAL A 324 13.43 1.37 3.84
N GLY A 325 12.47 0.49 3.55
CA GLY A 325 12.75 -0.89 3.26
C GLY A 325 12.15 -1.26 1.92
N TRP A 326 12.96 -1.84 1.04
CA TRP A 326 12.53 -2.11 -0.33
C TRP A 326 11.98 -3.52 -0.41
N SER A 327 10.67 -3.64 -0.61
CA SER A 327 10.00 -4.90 -0.82
C SER A 327 9.42 -4.91 -2.23
N ASP A 328 8.84 -6.04 -2.63
CA ASP A 328 8.29 -6.19 -3.96
C ASP A 328 6.76 -6.23 -3.89
N SER A 329 6.15 -6.29 -5.07
CA SER A 329 4.70 -6.34 -5.22
C SER A 329 4.34 -7.40 -6.24
N PRO A 330 3.15 -8.01 -6.13
CA PRO A 330 2.71 -8.97 -7.14
C PRO A 330 2.56 -8.30 -8.50
N THR A 331 2.95 -9.02 -9.55
CA THR A 331 2.85 -8.54 -10.91
C THR A 331 1.70 -9.19 -11.68
N ASN A 332 0.88 -9.99 -11.00
CA ASN A 332 -0.24 -10.69 -11.62
C ASN A 332 -1.53 -10.17 -11.02
N VAL A 333 -2.57 -10.07 -11.85
CA VAL A 333 -3.84 -9.55 -11.37
C VAL A 333 -4.52 -10.54 -10.42
N MET A 334 -4.44 -11.83 -10.73
CA MET A 334 -5.09 -12.83 -9.88
C MET A 334 -4.44 -12.92 -8.51
N ARG A 335 -3.11 -12.93 -8.44
CA ARG A 335 -2.45 -12.98 -7.15
C ARG A 335 -2.67 -11.68 -6.37
N TYR A 336 -2.75 -10.55 -7.05
CA TYR A 336 -3.08 -9.30 -6.38
C TYR A 336 -4.48 -9.37 -5.78
N ILE A 337 -5.44 -9.94 -6.51
CA ILE A 337 -6.80 -10.05 -6.00
C ILE A 337 -6.85 -11.01 -4.82
N VAL A 338 -6.09 -12.09 -4.87
CA VAL A 338 -6.05 -13.04 -3.74
C VAL A 338 -5.48 -12.34 -2.51
N GLN A 339 -4.37 -11.63 -2.66
CA GLN A 339 -3.75 -10.94 -1.54
C GLN A 339 -4.69 -9.89 -0.96
N GLN A 340 -5.39 -9.15 -1.83
CA GLN A 340 -6.31 -8.13 -1.35
C GLN A 340 -7.53 -8.75 -0.69
N THR A 341 -7.97 -9.93 -1.15
CA THR A 341 -9.05 -10.63 -0.46
C THR A 341 -8.64 -10.99 0.95
N ARG A 342 -7.44 -11.52 1.12
CA ARG A 342 -6.95 -11.85 2.46
C ARG A 342 -6.83 -10.59 3.33
N TRP A 343 -6.29 -9.51 2.76
CA TRP A 343 -6.13 -8.27 3.52
C TRP A 343 -7.48 -7.70 3.92
N SER A 344 -8.48 -7.78 3.05
CA SER A 344 -9.80 -7.26 3.37
C SER A 344 -10.50 -8.12 4.41
N LYS A 345 -10.29 -9.44 4.34
CA LYS A 345 -10.78 -10.31 5.41
C LYS A 345 -10.22 -9.86 6.75
N SER A 346 -8.91 -9.64 6.81
CA SER A 346 -8.30 -9.20 8.06
C SER A 346 -8.82 -7.83 8.48
N TRP A 347 -9.00 -6.92 7.54
CA TRP A 347 -9.45 -5.57 7.87
C TRP A 347 -10.85 -5.58 8.44
N CYS A 348 -11.77 -6.30 7.81
CA CYS A 348 -13.13 -6.36 8.34
C CYS A 348 -13.22 -7.21 9.59
N ARG A 349 -12.25 -8.09 9.84
CA ARG A 349 -12.20 -8.82 11.10
C ARG A 349 -11.69 -7.96 12.25
N GLU A 350 -10.76 -7.04 11.97
CA GLU A 350 -10.11 -6.26 13.02
C GLU A 350 -10.65 -4.85 13.18
N ILE A 351 -11.49 -4.38 12.25
CA ILE A 351 -11.99 -3.00 12.36
C ILE A 351 -12.91 -2.85 13.56
N TRP A 352 -13.60 -3.91 13.95
CA TRP A 352 -14.54 -3.84 15.07
C TRP A 352 -13.84 -3.78 16.42
N TYR A 353 -12.52 -3.96 16.47
CA TYR A 353 -11.76 -3.80 17.70
C TYR A 353 -11.20 -2.39 17.85
N THR A 354 -10.78 -1.77 16.74
CA THR A 354 -10.32 -0.39 16.81
C THR A 354 -11.46 0.55 17.17
N LEU A 355 -12.69 0.20 16.83
CA LEU A 355 -13.84 1.04 17.14
C LEU A 355 -14.32 0.89 18.58
N GLY A 356 -13.89 -0.15 19.29
CA GLY A 356 -14.26 -0.31 20.67
C GLY A 356 -13.13 0.06 21.61
N SER A 357 -11.92 0.18 21.07
CA SER A 357 -10.74 0.56 21.84
C SER A 357 -10.35 2.00 21.61
N ALA A 358 -11.17 2.79 20.93
CA ALA A 358 -10.83 4.17 20.66
C ALA A 358 -10.88 5.02 21.92
N TRP A 359 -11.84 4.73 22.81
CA TRP A 359 -12.01 5.52 24.02
C TRP A 359 -10.78 5.49 24.93
N LYS A 360 -9.94 4.46 24.79
CA LYS A 360 -8.71 4.41 25.58
C LYS A 360 -7.77 5.55 25.23
N HIS A 361 -7.86 6.06 24.00
CA HIS A 361 -6.99 7.14 23.56
C HIS A 361 -7.56 8.52 23.87
N GLY A 362 -8.71 8.58 24.53
CA GLY A 362 -9.30 9.88 24.85
C GLY A 362 -9.89 10.49 23.61
N PHE A 363 -9.55 11.74 23.36
CA PHE A 363 -10.11 12.48 22.23
C PHE A 363 -9.27 12.38 20.97
N SER A 364 -8.10 11.76 21.04
CA SER A 364 -7.32 11.49 19.84
C SER A 364 -7.84 10.29 19.06
N GLY A 365 -8.72 9.49 19.66
CA GLY A 365 -9.31 8.37 18.96
C GLY A 365 -10.48 8.72 18.07
N ILE A 366 -10.93 9.98 18.12
CA ILE A 366 -12.00 10.40 17.23
C ILE A 366 -11.55 10.33 15.78
N TYR A 367 -10.28 10.66 15.52
CA TYR A 367 -9.75 10.49 14.16
C TYR A 367 -9.75 9.03 13.75
N LEU A 368 -9.41 8.14 14.68
CA LEU A 368 -9.42 6.70 14.37
C LEU A 368 -10.83 6.23 14.02
N ALA A 369 -11.82 6.63 14.83
CA ALA A 369 -13.20 6.25 14.55
C ALA A 369 -13.69 6.84 13.23
N PHE A 370 -13.35 8.10 12.96
CA PHE A 370 -13.77 8.71 11.71
C PHE A 370 -13.11 8.04 10.51
N GLU A 371 -11.84 7.67 10.64
CA GLU A 371 -11.18 6.97 9.55
C GLU A 371 -11.84 5.63 9.28
N CYS A 372 -12.20 4.90 10.34
CA CYS A 372 -12.89 3.63 10.14
C CYS A 372 -14.25 3.85 9.46
N MET A 373 -15.00 4.87 9.90
CA MET A 373 -16.29 5.15 9.28
C MET A 373 -16.12 5.57 7.83
N TYR A 374 -15.08 6.36 7.53
CA TYR A 374 -14.80 6.75 6.15
C TYR A 374 -14.48 5.56 5.29
N GLN A 375 -13.66 4.63 5.80
CA GLN A 375 -13.33 3.45 5.01
C GLN A 375 -14.54 2.56 4.80
N ILE A 376 -15.46 2.53 5.77
CA ILE A 376 -16.70 1.78 5.59
C ILE A 376 -17.59 2.44 4.54
N MET A 377 -17.77 3.75 4.64
CA MET A 377 -18.71 4.45 3.77
C MET A 377 -18.19 4.69 2.36
N TYR A 378 -16.86 4.71 2.16
CA TYR A 378 -16.33 4.92 0.82
C TYR A 378 -16.71 3.79 -0.12
N PHE A 379 -16.63 2.54 0.36
CA PHE A 379 -16.99 1.40 -0.45
C PHE A 379 -18.47 1.47 -0.85
N PHE A 380 -19.34 1.77 0.11
CA PHE A 380 -20.77 1.84 -0.18
C PHE A 380 -21.09 3.02 -1.10
N LEU A 381 -20.41 4.15 -0.90
CA LEU A 381 -20.62 5.29 -1.79
C LEU A 381 -20.23 4.96 -3.22
N VAL A 382 -19.07 4.31 -3.39
CA VAL A 382 -18.63 3.94 -4.73
C VAL A 382 -19.61 2.96 -5.37
N MET A 383 -20.04 1.95 -4.60
CA MET A 383 -20.97 0.96 -5.14
C MET A 383 -22.28 1.60 -5.56
N TYR A 384 -22.85 2.44 -4.68
CA TYR A 384 -24.12 3.07 -4.98
C TYR A 384 -24.01 4.04 -6.15
N LEU A 385 -22.92 4.81 -6.21
CA LEU A 385 -22.73 5.74 -7.30
C LEU A 385 -22.62 5.00 -8.63
N PHE A 386 -21.83 3.94 -8.67
CA PHE A 386 -21.72 3.17 -9.90
C PHE A 386 -23.06 2.56 -10.29
N SER A 387 -23.80 2.04 -9.31
CA SER A 387 -25.09 1.43 -9.62
C SER A 387 -26.05 2.47 -10.19
N TYR A 388 -26.10 3.65 -9.59
CA TYR A 388 -27.01 4.69 -10.08
C TYR A 388 -26.63 5.13 -11.48
N ILE A 389 -25.34 5.37 -11.72
CA ILE A 389 -24.91 5.82 -13.04
C ILE A 389 -25.13 4.73 -14.09
N ALA A 390 -25.00 3.46 -13.70
CA ALA A 390 -25.21 2.38 -14.65
C ALA A 390 -26.70 2.19 -14.96
N ILE A 391 -27.55 2.22 -13.94
CA ILE A 391 -28.97 1.98 -14.15
C ILE A 391 -29.62 3.14 -14.89
N LYS A 392 -29.35 4.37 -14.45
CA LYS A 392 -29.98 5.53 -15.07
C LYS A 392 -29.55 5.70 -16.53
N ALA A 393 -28.27 5.50 -16.81
CA ALA A 393 -27.73 5.51 -18.18
C ALA A 393 -27.97 6.85 -18.87
N ASP A 394 -27.39 7.90 -18.29
CA ASP A 394 -27.44 9.24 -18.86
C ASP A 394 -26.02 9.64 -19.27
N ILE A 395 -25.86 10.03 -20.54
CA ILE A 395 -24.53 10.31 -21.07
C ILE A 395 -23.92 11.53 -20.38
N ARG A 396 -24.70 12.59 -20.20
CA ARG A 396 -24.16 13.80 -19.60
C ARG A 396 -23.84 13.62 -18.12
N ALA A 397 -24.29 12.55 -17.49
CA ALA A 397 -23.90 12.20 -16.13
C ALA A 397 -22.76 11.20 -16.09
N GLN A 398 -22.73 10.24 -17.02
CA GLN A 398 -21.60 9.32 -17.12
C GLN A 398 -20.31 10.08 -17.41
N THR A 399 -20.36 11.00 -18.39
CA THR A 399 -19.19 11.80 -18.72
C THR A 399 -18.78 12.68 -17.54
N ALA A 400 -19.75 13.27 -16.85
CA ALA A 400 -19.42 14.11 -15.71
C ALA A 400 -18.71 13.30 -14.62
N THR A 401 -19.22 12.10 -14.32
CA THR A 401 -18.59 11.26 -13.32
C THR A 401 -17.17 10.87 -13.73
N VAL A 402 -17.00 10.49 -15.00
CA VAL A 402 -15.67 10.07 -15.47
C VAL A 402 -14.69 11.24 -15.35
N LEU A 403 -15.10 12.43 -15.78
CA LEU A 403 -14.19 13.56 -15.78
C LEU A 403 -13.87 14.03 -14.35
N VAL A 404 -14.86 13.99 -13.46
CA VAL A 404 -14.60 14.38 -12.07
C VAL A 404 -13.63 13.40 -11.42
N SER A 405 -13.83 12.10 -11.64
CA SER A 405 -12.90 11.12 -11.09
C SER A 405 -11.50 11.31 -11.64
N THR A 406 -11.39 11.57 -12.95
CA THR A 406 -10.08 11.78 -13.55
C THR A 406 -9.40 13.01 -12.97
N LEU A 407 -10.14 14.10 -12.79
CA LEU A 407 -9.57 15.31 -12.22
C LEU A 407 -9.08 15.08 -10.79
N VAL A 408 -9.87 14.36 -9.99
CA VAL A 408 -9.47 14.08 -8.61
C VAL A 408 -8.18 13.26 -8.58
N THR A 409 -8.12 12.21 -9.41
CA THR A 409 -6.92 11.39 -9.45
C THR A 409 -5.73 12.17 -9.96
N ILE A 410 -5.93 13.09 -10.91
CA ILE A 410 -4.83 13.90 -11.41
C ILE A 410 -4.29 14.81 -10.32
N ILE A 411 -5.17 15.35 -9.48
CA ILE A 411 -4.71 16.17 -8.36
C ILE A 411 -3.90 15.34 -7.36
N LYS A 412 -4.40 14.14 -7.05
CA LYS A 412 -3.66 13.25 -6.14
C LYS A 412 -2.27 12.93 -6.70
N SER A 413 -2.21 12.59 -7.99
CA SER A 413 -0.93 12.27 -8.62
C SER A 413 -0.01 13.48 -8.69
N SER A 414 -0.58 14.68 -8.85
CA SER A 414 0.23 15.89 -8.82
C SER A 414 0.91 16.05 -7.47
N TYR A 415 0.17 15.84 -6.38
CA TYR A 415 0.81 15.92 -5.07
C TYR A 415 1.84 14.83 -4.90
N LEU A 416 1.54 13.62 -5.37
CA LEU A 416 2.50 12.52 -5.23
C LEU A 416 3.80 12.82 -5.97
N ALA A 417 3.69 13.38 -7.17
CA ALA A 417 4.88 13.76 -7.93
C ALA A 417 5.65 14.87 -7.22
N LEU A 418 4.93 15.83 -6.62
CA LEU A 418 5.61 16.90 -5.90
C LEU A 418 6.37 16.37 -4.69
N ARG A 419 5.77 15.43 -3.96
CA ARG A 419 6.40 14.90 -2.76
C ARG A 419 7.56 13.97 -3.09
N ALA A 420 7.38 13.10 -4.07
CA ALA A 420 8.40 12.12 -4.42
C ALA A 420 9.51 12.70 -5.29
N LYS A 421 9.34 13.92 -5.79
CA LYS A 421 10.30 14.53 -6.71
C LYS A 421 10.54 13.64 -7.92
N ASN A 422 9.47 13.03 -8.40
CA ASN A 422 9.52 12.08 -9.50
C ASN A 422 8.39 12.39 -10.47
N LEU A 423 8.68 12.25 -11.77
CA LEU A 423 7.66 12.47 -12.79
C LEU A 423 6.88 11.21 -13.13
N LYS A 424 7.27 10.06 -12.60
CA LYS A 424 6.54 8.83 -12.85
C LYS A 424 5.30 8.69 -11.97
N ALA A 425 5.16 9.54 -10.95
CA ALA A 425 3.99 9.46 -10.08
C ALA A 425 2.69 9.71 -10.81
N PHE A 426 2.74 10.39 -11.96
CA PHE A 426 1.52 10.59 -12.74
C PHE A 426 0.97 9.29 -13.28
N TYR A 427 1.77 8.22 -13.31
CA TYR A 427 1.22 6.91 -13.64
C TYR A 427 0.09 6.53 -12.71
N PHE A 428 0.06 7.11 -11.50
CA PHE A 428 -0.98 6.83 -10.54
C PHE A 428 -2.37 7.16 -11.07
N VAL A 429 -2.47 8.00 -12.11
CA VAL A 429 -3.80 8.31 -12.65
C VAL A 429 -4.48 7.07 -13.20
N LEU A 430 -3.72 6.01 -13.48
CA LEU A 430 -4.32 4.77 -13.96
C LEU A 430 -4.79 3.86 -12.83
N TYR A 431 -4.41 4.14 -11.59
CA TYR A 431 -4.76 3.26 -10.49
C TYR A 431 -6.27 3.16 -10.30
N THR A 432 -7.03 4.16 -10.73
CA THR A 432 -8.48 4.09 -10.61
C THR A 432 -9.04 2.86 -11.31
N TYR A 433 -8.34 2.36 -12.33
CA TYR A 433 -8.78 1.12 -12.95
C TYR A 433 -8.59 -0.06 -12.01
N VAL A 434 -7.39 -0.16 -11.40
CA VAL A 434 -7.09 -1.30 -10.54
C VAL A 434 -8.10 -1.39 -9.41
N TYR A 435 -8.31 -0.28 -8.70
CA TYR A 435 -9.27 -0.29 -7.61
C TYR A 435 -10.65 -0.73 -8.08
N PHE A 436 -11.04 -0.35 -9.29
CA PHE A 436 -12.37 -0.73 -9.75
C PHE A 436 -12.42 -2.19 -10.19
N PHE A 437 -11.31 -2.75 -10.65
CA PHE A 437 -11.33 -4.07 -11.26
C PHE A 437 -10.52 -5.09 -10.48
N CYS A 438 -9.83 -4.70 -9.42
CA CYS A 438 -9.09 -5.63 -8.58
C CYS A 438 -9.37 -5.47 -7.10
N MET A 439 -9.96 -4.36 -6.66
CA MET A 439 -10.19 -4.13 -5.24
C MET A 439 -11.64 -4.27 -4.81
N ILE A 440 -12.59 -3.90 -5.65
CA ILE A 440 -14.00 -4.08 -5.33
C ILE A 440 -14.35 -5.57 -5.25
N PRO A 441 -13.98 -6.41 -6.24
CA PRO A 441 -14.27 -7.85 -6.08
C PRO A 441 -13.61 -8.46 -4.86
N ALA A 442 -12.39 -8.03 -4.52
CA ALA A 442 -11.72 -8.57 -3.34
C ALA A 442 -12.47 -8.21 -2.07
N ARG A 443 -12.92 -6.97 -1.95
CA ARG A 443 -13.67 -6.56 -0.76
C ARG A 443 -15.00 -7.28 -0.67
N ILE A 444 -15.70 -7.42 -1.80
CA ILE A 444 -16.98 -8.15 -1.78
C ILE A 444 -16.76 -9.60 -1.38
N THR A 445 -15.70 -10.23 -1.91
CA THR A 445 -15.42 -11.62 -1.56
C THR A 445 -15.09 -11.76 -0.09
N ALA A 446 -14.31 -10.84 0.47
CA ALA A 446 -14.02 -10.89 1.90
C ALA A 446 -15.28 -10.76 2.72
N MET A 447 -16.18 -9.83 2.33
CA MET A 447 -17.42 -9.65 3.07
C MET A 447 -18.30 -10.90 2.99
N PHE A 448 -18.44 -11.48 1.80
CA PHE A 448 -19.27 -12.65 1.61
C PHE A 448 -18.63 -13.92 2.12
N THR A 449 -17.35 -13.88 2.51
CA THR A 449 -16.74 -15.00 3.22
C THR A 449 -16.84 -14.86 4.73
N MET A 450 -16.75 -13.61 5.25
CA MET A 450 -16.68 -13.43 6.69
C MET A 450 -17.98 -13.84 7.39
N PHE A 451 -19.13 -13.53 6.80
CA PHE A 451 -20.40 -13.91 7.41
C PHE A 451 -21.23 -14.81 6.50
N ASP A 452 -20.57 -15.71 5.77
CA ASP A 452 -21.27 -16.70 4.98
C ASP A 452 -20.38 -17.93 4.76
N TRP A 473 -11.32 -21.90 -7.96
CA TRP A 473 -12.25 -20.77 -8.09
C TRP A 473 -13.13 -20.68 -6.85
N ALA A 474 -14.32 -21.28 -6.94
CA ALA A 474 -15.27 -21.40 -5.82
C ALA A 474 -15.56 -19.99 -5.32
N LYS A 475 -15.56 -19.75 -4.01
CA LYS A 475 -15.89 -18.42 -3.48
C LYS A 475 -14.83 -17.39 -3.84
N GLN A 476 -13.56 -17.80 -3.92
CA GLN A 476 -12.49 -16.83 -4.14
C GLN A 476 -12.59 -16.16 -5.50
N PHE A 477 -12.73 -16.96 -6.56
CA PHE A 477 -12.68 -16.47 -7.93
C PHE A 477 -14.01 -16.65 -8.64
N LEU A 478 -15.12 -16.41 -7.95
CA LEU A 478 -16.41 -16.34 -8.61
C LEU A 478 -17.02 -14.95 -8.55
N ILE A 479 -16.79 -14.20 -7.48
CA ILE A 479 -17.30 -12.85 -7.40
C ILE A 479 -16.51 -11.89 -8.28
N THR A 480 -15.25 -12.21 -8.58
CA THR A 480 -14.46 -11.37 -9.48
C THR A 480 -15.03 -11.38 -10.89
N TYR A 481 -15.27 -12.57 -11.46
CA TYR A 481 -15.85 -12.64 -12.79
C TYR A 481 -17.29 -12.13 -12.81
N MET A 482 -18.04 -12.34 -11.73
CA MET A 482 -19.39 -11.77 -11.66
C MET A 482 -19.34 -10.25 -11.71
N TRP A 483 -18.42 -9.65 -10.96
CA TRP A 483 -18.29 -8.19 -10.97
C TRP A 483 -17.86 -7.68 -12.34
N TRP A 484 -16.90 -8.37 -12.98
CA TRP A 484 -16.45 -7.94 -14.30
C TRP A 484 -17.57 -8.06 -15.33
N ALA A 485 -18.33 -9.15 -15.29
CA ALA A 485 -19.44 -9.33 -16.20
C ALA A 485 -20.50 -8.26 -15.98
N GLY A 486 -20.79 -7.93 -14.72
CA GLY A 486 -21.75 -6.87 -14.45
C GLY A 486 -21.28 -5.52 -14.97
N VAL A 487 -20.00 -5.21 -14.80
CA VAL A 487 -19.47 -3.94 -15.29
C VAL A 487 -19.57 -3.87 -16.82
N LEU A 488 -19.18 -4.95 -17.49
CA LEU A 488 -19.26 -4.97 -18.95
C LEU A 488 -20.71 -4.87 -19.42
N ALA A 489 -21.64 -5.55 -18.75
CA ALA A 489 -23.04 -5.46 -19.11
C ALA A 489 -23.58 -4.05 -18.92
N ALA A 490 -23.19 -3.39 -17.82
CA ALA A 490 -23.63 -2.02 -17.60
C ALA A 490 -23.11 -1.08 -18.69
N GLY A 491 -21.84 -1.25 -19.05
CA GLY A 491 -21.29 -0.41 -20.11
C GLY A 491 -21.99 -0.63 -21.44
N VAL A 492 -22.18 -1.89 -21.81
CA VAL A 492 -22.85 -2.19 -23.08
C VAL A 492 -24.28 -1.65 -23.07
N TYR A 493 -24.95 -1.76 -21.92
CA TYR A 493 -26.31 -1.25 -21.82
C TYR A 493 -26.35 0.26 -22.01
N SER A 494 -25.41 0.99 -21.40
CA SER A 494 -25.38 2.44 -21.57
C SER A 494 -25.13 2.81 -23.02
N ILE A 495 -24.14 2.19 -23.67
CA ILE A 495 -23.86 2.50 -25.07
C ILE A 495 -25.06 2.18 -25.95
N VAL A 496 -25.69 1.01 -25.75
CA VAL A 496 -26.81 0.64 -26.61
C VAL A 496 -28.03 1.51 -26.35
N ASP A 497 -28.19 2.02 -25.12
CA ASP A 497 -29.33 2.87 -24.81
C ASP A 497 -29.12 4.31 -25.26
N ASN A 498 -27.88 4.72 -25.49
CA ASN A 498 -27.63 6.09 -25.94
C ASN A 498 -26.97 6.11 -27.31
N TRP A 499 -27.48 5.31 -28.23
CA TRP A 499 -26.93 5.21 -29.59
C TRP A 499 -27.66 6.20 -30.49
N TYR A 500 -27.07 7.38 -30.65
CA TYR A 500 -27.56 8.42 -31.53
C TYR A 500 -26.51 9.51 -31.60
N PHE A 501 -26.58 10.31 -32.67
CA PHE A 501 -25.66 11.41 -32.89
C PHE A 501 -26.45 12.69 -33.10
N ASP A 502 -26.07 13.75 -32.39
CA ASP A 502 -26.73 15.04 -32.50
C ASP A 502 -25.70 16.13 -32.26
N TRP A 503 -25.18 16.71 -33.34
CA TRP A 503 -24.19 17.76 -33.23
C TRP A 503 -24.81 19.13 -32.98
N ALA A 504 -26.13 19.26 -33.11
CA ALA A 504 -26.80 20.51 -32.78
C ALA A 504 -26.96 20.71 -31.28
N ASP A 505 -27.14 19.62 -30.53
CA ASP A 505 -27.30 19.72 -29.09
C ASP A 505 -25.97 20.05 -28.44
N ILE A 506 -25.95 21.09 -27.60
CA ILE A 506 -24.72 21.44 -26.90
C ILE A 506 -24.39 20.40 -25.84
N GLN A 507 -25.39 19.75 -25.26
CA GLN A 507 -25.14 18.74 -24.23
C GLN A 507 -24.52 17.49 -24.83
N TYR A 508 -24.99 17.08 -26.02
CA TYR A 508 -24.37 15.95 -26.69
C TYR A 508 -22.94 16.28 -27.10
N ARG A 509 -22.70 17.50 -27.55
CA ARG A 509 -21.33 17.91 -27.86
C ARG A 509 -20.45 17.82 -26.62
N PHE A 510 -20.95 18.30 -25.47
CA PHE A 510 -20.16 18.21 -24.24
C PHE A 510 -19.86 16.75 -23.91
N ALA A 511 -20.87 15.89 -23.98
CA ALA A 511 -20.67 14.48 -23.60
C ALA A 511 -19.68 13.79 -24.52
N LEU A 512 -19.86 13.94 -25.84
CA LEU A 512 -18.98 13.27 -26.78
C LEU A 512 -17.55 13.80 -26.70
N VAL A 513 -17.39 15.12 -26.64
CA VAL A 513 -16.05 15.70 -26.56
C VAL A 513 -15.37 15.28 -25.26
N GLY A 514 -16.12 15.25 -24.15
CA GLY A 514 -15.53 14.84 -22.90
C GLY A 514 -15.07 13.40 -22.91
N ILE A 515 -15.89 12.49 -23.44
CA ILE A 515 -15.50 11.09 -23.44
C ILE A 515 -14.33 10.87 -24.40
N CYS A 516 -14.32 11.56 -25.54
CA CYS A 516 -13.20 11.41 -26.46
C CYS A 516 -11.92 11.98 -25.88
N SER A 517 -12.01 13.11 -25.17
CA SER A 517 -10.83 13.66 -24.50
C SER A 517 -10.31 12.72 -23.44
N TYR A 518 -11.21 12.09 -22.67
CA TYR A 518 -10.76 11.15 -21.65
C TYR A 518 -10.04 9.96 -22.27
N LEU A 519 -10.60 9.39 -23.34
CA LEU A 519 -9.93 8.26 -23.99
C LEU A 519 -8.59 8.68 -24.57
N VAL A 520 -8.52 9.87 -25.16
CA VAL A 520 -7.25 10.36 -25.71
C VAL A 520 -6.21 10.51 -24.61
N PHE A 521 -6.62 11.06 -23.47
CA PHE A 521 -5.69 11.25 -22.35
C PHE A 521 -5.18 9.92 -21.83
N VAL A 522 -6.08 8.94 -21.65
CA VAL A 522 -5.67 7.64 -21.14
C VAL A 522 -4.75 6.95 -22.14
N SER A 523 -5.05 7.05 -23.43
CA SER A 523 -4.19 6.45 -24.45
C SER A 523 -2.80 7.10 -24.45
N ILE A 524 -2.74 8.41 -24.28
CA ILE A 524 -1.46 9.10 -24.23
C ILE A 524 -0.64 8.63 -23.03
N VAL A 525 -1.30 8.50 -21.87
CA VAL A 525 -0.59 8.03 -20.67
C VAL A 525 -0.07 6.61 -20.89
N LEU A 526 -0.88 5.73 -21.48
CA LEU A 526 -0.45 4.36 -21.70
C LEU A 526 0.69 4.29 -22.71
N VAL A 527 0.66 5.14 -23.75
CA VAL A 527 1.76 5.18 -24.71
C VAL A 527 3.03 5.67 -24.05
N ILE A 528 2.92 6.66 -23.16
CA ILE A 528 4.09 7.13 -22.41
C ILE A 528 4.64 6.00 -21.56
N TYR A 529 3.77 5.23 -20.91
CA TYR A 529 4.24 4.10 -20.13
C TYR A 529 4.97 3.09 -21.00
N LEU A 530 4.43 2.81 -22.19
CA LEU A 530 5.06 1.84 -23.10
C LEU A 530 6.44 2.34 -23.53
N ILE A 531 6.55 3.63 -23.84
CA ILE A 531 7.85 4.18 -24.24
C ILE A 531 8.83 4.12 -23.08
N GLY A 532 8.37 4.41 -21.87
CA GLY A 532 9.24 4.32 -20.70
C GLY A 532 9.70 2.90 -20.42
N LYS A 533 8.81 1.93 -20.63
CA LYS A 533 9.16 0.53 -20.43
C LYS A 533 10.11 0.03 -21.51
N ILE A 534 10.01 0.57 -22.73
CA ILE A 534 10.90 0.16 -23.80
C ILE A 534 12.34 0.56 -23.46
N THR A 535 12.53 1.78 -23.00
CA THR A 535 13.86 2.30 -22.71
C THR A 535 14.35 1.93 -21.32
N THR A 536 13.58 1.14 -20.56
CA THR A 536 13.91 0.79 -19.18
C THR A 536 14.12 2.04 -18.33
N TRP A 537 13.33 3.07 -18.61
CA TRP A 537 13.30 4.27 -17.79
C TRP A 537 12.41 4.11 -16.56
N ASN A 538 11.45 3.20 -16.61
CA ASN A 538 10.57 2.95 -15.48
C ASN A 538 11.29 2.30 -14.31
N TYR A 539 12.40 1.62 -14.56
CA TYR A 539 13.04 0.81 -13.53
C TYR A 539 13.63 1.69 -12.44
N THR A 540 13.39 1.31 -11.19
CA THR A 540 14.02 1.99 -10.08
C THR A 540 15.52 1.70 -10.09
N PRO A 541 16.35 2.60 -9.55
CA PRO A 541 17.79 2.32 -9.50
C PRO A 541 18.14 1.03 -8.79
N LEU A 542 17.44 0.71 -7.70
CA LEU A 542 17.66 -0.56 -7.03
C LEU A 542 17.28 -1.72 -7.94
N GLN A 543 16.25 -1.55 -8.76
CA GLN A 543 15.88 -2.61 -9.70
C GLN A 543 16.96 -2.85 -10.73
N LYS A 544 17.56 -1.77 -11.26
CA LYS A 544 18.65 -1.93 -12.21
C LYS A 544 19.85 -2.60 -11.56
N GLU A 545 20.19 -2.18 -10.33
CA GLU A 545 21.29 -2.82 -9.61
C GLU A 545 21.02 -4.30 -9.40
N LEU A 546 19.80 -4.65 -9.00
CA LEU A 546 19.46 -6.04 -8.76
C LEU A 546 19.48 -6.85 -10.04
N ILE A 547 19.03 -6.26 -11.15
CA ILE A 547 19.08 -6.97 -12.44
C ILE A 547 20.53 -7.27 -12.81
N GLU A 548 21.41 -6.28 -12.67
CA GLU A 548 22.82 -6.50 -12.98
C GLU A 548 23.43 -7.56 -12.06
N GLU A 549 23.13 -7.50 -10.76
CA GLU A 549 23.72 -8.44 -9.81
C GLU A 549 23.22 -9.86 -10.06
N ARG A 550 21.92 -10.02 -10.32
CA ARG A 550 21.39 -11.34 -10.63
C ARG A 550 21.95 -11.88 -11.93
N TYR A 551 22.22 -11.00 -12.90
CA TYR A 551 22.92 -11.43 -14.11
C TYR A 551 24.32 -11.91 -13.77
N LEU A 552 25.01 -11.21 -12.85
CA LEU A 552 26.36 -11.61 -12.47
C LEU A 552 26.38 -12.99 -11.82
N HIS A 553 25.40 -13.28 -10.97
CA HIS A 553 25.29 -14.58 -10.32
C HIS A 553 25.10 -15.68 -11.35
N GLN B 1 -37.59 2.36 -37.05
CA GLN B 1 -38.27 3.51 -37.64
C GLN B 1 -39.36 4.04 -36.70
N VAL B 2 -39.78 5.28 -36.92
CA VAL B 2 -40.75 5.95 -36.07
C VAL B 2 -41.88 6.48 -36.95
N GLN B 3 -43.12 6.14 -36.59
CA GLN B 3 -44.29 6.61 -37.31
C GLN B 3 -45.04 7.61 -36.44
N LEU B 4 -45.31 8.79 -36.99
CA LEU B 4 -45.84 9.91 -36.23
C LEU B 4 -47.26 10.22 -36.67
N VAL B 5 -48.16 10.37 -35.69
CA VAL B 5 -49.56 10.71 -35.94
C VAL B 5 -49.91 11.93 -35.10
N GLU B 6 -50.44 12.97 -35.76
CA GLU B 6 -50.78 14.21 -35.06
C GLU B 6 -52.12 14.08 -34.36
N SER B 7 -52.34 14.97 -33.39
CA SER B 7 -53.61 15.03 -32.68
C SER B 7 -53.74 16.41 -32.05
N GLY B 8 -54.98 16.88 -31.93
CA GLY B 8 -55.24 18.20 -31.40
C GLY B 8 -55.37 19.23 -32.49
N GLY B 9 -55.69 20.45 -32.07
CA GLY B 9 -55.85 21.56 -32.98
C GLY B 9 -57.26 21.65 -33.55
N GLY B 10 -57.56 22.83 -34.09
CA GLY B 10 -58.87 23.09 -34.65
C GLY B 10 -59.16 24.55 -34.85
N LEU B 11 -60.36 24.98 -34.48
CA LEU B 11 -60.79 26.38 -34.64
C LEU B 11 -60.73 27.07 -33.28
N VAL B 12 -59.77 27.99 -33.14
CA VAL B 12 -59.63 28.80 -31.93
C VAL B 12 -59.50 30.26 -32.36
N GLN B 13 -60.24 31.14 -31.70
CA GLN B 13 -60.21 32.55 -32.04
C GLN B 13 -58.86 33.16 -31.68
N ALA B 14 -58.62 34.36 -32.19
CA ALA B 14 -57.36 35.07 -31.95
C ALA B 14 -57.27 35.45 -30.48
N GLY B 15 -56.30 34.86 -29.78
CA GLY B 15 -56.08 35.18 -28.38
C GLY B 15 -56.19 33.98 -27.46
N GLY B 16 -56.78 32.90 -27.96
CA GLY B 16 -56.98 31.71 -27.16
C GLY B 16 -55.75 30.84 -27.08
N SER B 17 -55.93 29.66 -26.49
CA SER B 17 -54.85 28.70 -26.30
C SER B 17 -55.23 27.38 -26.94
N LEU B 18 -54.21 26.61 -27.28
CA LEU B 18 -54.40 25.33 -27.97
C LEU B 18 -53.24 24.41 -27.65
N LYS B 19 -53.40 23.13 -27.98
CA LYS B 19 -52.36 22.14 -27.77
C LYS B 19 -52.37 21.15 -28.92
N VAL B 20 -51.18 20.86 -29.45
CA VAL B 20 -51.03 19.88 -30.52
C VAL B 20 -49.98 18.86 -30.09
N SER B 21 -50.32 17.58 -30.12
CA SER B 21 -49.41 16.54 -29.70
C SER B 21 -49.26 15.53 -30.82
N CYS B 22 -48.03 15.16 -31.15
CA CYS B 22 -47.80 14.07 -32.10
C CYS B 22 -47.33 12.86 -31.32
N ALA B 23 -47.96 11.72 -31.61
CA ALA B 23 -47.62 10.44 -31.00
C ALA B 23 -46.75 9.66 -31.97
N ALA B 24 -45.59 9.23 -31.49
CA ALA B 24 -44.62 8.53 -32.31
C ALA B 24 -44.51 7.09 -31.83
N SER B 25 -44.90 6.15 -32.68
CA SER B 25 -44.75 4.73 -32.42
C SER B 25 -43.44 4.28 -33.03
N GLY B 26 -42.56 3.72 -32.20
CA GLY B 26 -41.25 3.30 -32.65
C GLY B 26 -40.51 2.61 -31.54
N ARG B 27 -39.32 2.11 -31.88
CA ARG B 27 -38.56 1.31 -30.92
C ARG B 27 -38.09 2.13 -29.73
N ALA B 28 -37.49 3.30 -29.98
CA ALA B 28 -36.84 4.07 -28.93
C ALA B 28 -37.18 5.55 -29.08
N PHE B 29 -38.25 5.97 -28.39
CA PHE B 29 -38.57 7.39 -28.24
C PHE B 29 -37.79 7.99 -27.09
N LYS B 30 -36.47 7.79 -27.11
CA LYS B 30 -35.60 8.25 -26.04
C LYS B 30 -34.42 8.97 -26.65
N THR B 31 -34.11 8.64 -27.91
CA THR B 31 -32.96 9.19 -28.61
C THR B 31 -33.36 9.92 -29.88
N TYR B 32 -34.64 10.27 -30.02
CA TYR B 32 -35.14 10.91 -31.22
C TYR B 32 -35.37 12.40 -30.96
N ARG B 33 -34.66 13.25 -31.68
CA ARG B 33 -34.92 14.68 -31.65
C ARG B 33 -36.21 14.98 -32.40
N MET B 34 -37.08 15.77 -31.80
CA MET B 34 -38.38 16.08 -32.37
C MET B 34 -38.46 17.56 -32.71
N ALA B 35 -39.29 17.89 -33.69
CA ALA B 35 -39.48 19.27 -34.10
C ALA B 35 -40.88 19.43 -34.65
N TRP B 36 -41.34 20.67 -34.68
CA TRP B 36 -42.63 21.04 -35.26
C TRP B 36 -42.39 22.06 -36.36
N PHE B 37 -43.12 21.91 -37.46
CA PHE B 37 -43.02 22.81 -38.59
C PHE B 37 -44.42 23.25 -39.01
N ARG B 38 -44.53 24.47 -39.50
CA ARG B 38 -45.82 25.03 -39.91
C ARG B 38 -45.80 25.34 -41.40
N GLN B 39 -46.86 24.93 -42.10
CA GLN B 39 -47.06 25.28 -43.50
C GLN B 39 -48.32 26.13 -43.61
N ALA B 40 -48.18 27.35 -44.09
CA ALA B 40 -49.23 28.32 -44.24
C ALA B 40 -49.69 28.39 -45.70
N PRO B 41 -50.95 28.78 -45.94
CA PRO B 41 -51.42 28.85 -47.34
C PRO B 41 -50.60 29.78 -48.21
N GLY B 42 -50.15 30.91 -47.67
CA GLY B 42 -49.34 31.85 -48.41
C GLY B 42 -47.85 31.77 -48.15
N LYS B 43 -47.38 30.74 -47.46
CA LYS B 43 -45.97 30.59 -47.12
C LYS B 43 -45.56 29.15 -47.37
N GLU B 44 -44.38 28.79 -46.88
CA GLU B 44 -43.83 27.44 -47.00
C GLU B 44 -43.54 26.88 -45.61
N ARG B 45 -43.09 25.63 -45.57
CA ARG B 45 -42.77 24.98 -44.32
C ARG B 45 -41.57 25.65 -43.67
N GLU B 46 -41.61 25.77 -42.34
CA GLU B 46 -40.54 26.42 -41.60
C GLU B 46 -40.54 25.92 -40.15
N PHE B 47 -39.40 26.09 -39.50
CA PHE B 47 -39.20 25.61 -38.14
C PHE B 47 -39.81 26.56 -37.12
N VAL B 48 -40.55 26.01 -36.16
CA VAL B 48 -41.22 26.83 -35.17
C VAL B 48 -40.76 26.47 -33.75
N SER B 49 -40.38 25.22 -33.53
CA SER B 49 -39.93 24.78 -32.21
C SER B 49 -39.46 23.34 -32.32
N GLY B 50 -38.68 22.92 -31.33
CA GLY B 50 -38.17 21.56 -31.32
C GLY B 50 -37.50 21.26 -29.99
N ILE B 51 -37.32 19.98 -29.73
CA ILE B 51 -36.72 19.51 -28.48
C ILE B 51 -35.80 18.33 -28.80
N SER B 52 -34.60 18.34 -28.23
CA SER B 52 -33.64 17.29 -28.48
C SER B 52 -33.88 16.13 -27.52
N ALA B 53 -33.10 15.06 -27.71
CA ALA B 53 -33.27 13.87 -26.87
C ALA B 53 -32.81 14.10 -25.43
N LEU B 54 -31.99 15.12 -25.19
CA LEU B 54 -31.56 15.48 -23.85
C LEU B 54 -32.34 16.67 -23.29
N GLU B 55 -33.56 16.87 -23.77
CA GLU B 55 -34.49 17.89 -23.27
C GLU B 55 -33.93 19.30 -23.42
N THR B 56 -33.32 19.57 -24.58
CA THR B 56 -32.92 20.92 -24.94
C THR B 56 -33.91 21.48 -25.94
N THR B 57 -34.47 22.64 -25.64
CA THR B 57 -35.57 23.22 -26.41
C THR B 57 -35.07 24.38 -27.26
N TYR B 58 -35.44 24.36 -28.54
CA TYR B 58 -35.12 25.41 -29.49
C TYR B 58 -36.42 26.00 -30.00
N TYR B 59 -36.48 27.32 -30.13
CA TYR B 59 -37.68 28.01 -30.57
C TYR B 59 -37.34 28.98 -31.68
N ALA B 60 -38.32 29.23 -32.55
CA ALA B 60 -38.13 30.13 -33.66
C ALA B 60 -38.10 31.58 -33.18
N ASP B 61 -37.62 32.47 -34.04
CA ASP B 61 -37.54 33.88 -33.68
C ASP B 61 -38.92 34.46 -33.43
N SER B 62 -39.90 34.10 -34.25
CA SER B 62 -41.25 34.64 -34.13
C SER B 62 -42.07 34.00 -33.03
N VAL B 63 -41.62 32.87 -32.48
CA VAL B 63 -42.43 32.12 -31.52
C VAL B 63 -41.51 31.82 -30.33
N LYS B 64 -40.54 32.70 -30.10
CA LYS B 64 -39.57 32.47 -29.03
C LYS B 64 -40.24 32.44 -27.66
N GLY B 65 -41.20 33.33 -27.42
CA GLY B 65 -41.84 33.40 -26.13
C GLY B 65 -43.33 33.10 -26.15
N ARG B 66 -43.78 32.34 -27.16
CA ARG B 66 -45.19 32.04 -27.32
C ARG B 66 -45.55 30.60 -26.96
N PHE B 67 -44.87 29.63 -27.55
CA PHE B 67 -45.21 28.22 -27.39
C PHE B 67 -44.37 27.59 -26.28
N THR B 68 -44.74 26.36 -25.92
CA THR B 68 -43.99 25.58 -24.95
C THR B 68 -44.00 24.12 -25.39
N ILE B 69 -42.82 23.54 -25.54
CA ILE B 69 -42.70 22.16 -26.02
C ILE B 69 -42.30 21.25 -24.87
N SER B 70 -42.81 20.03 -24.91
CA SER B 70 -42.46 19.02 -23.92
C SER B 70 -42.57 17.65 -24.58
N ARG B 71 -41.94 16.66 -23.97
CA ARG B 71 -41.99 15.30 -24.47
C ARG B 71 -42.27 14.34 -23.32
N ASP B 72 -42.90 13.21 -23.68
CA ASP B 72 -43.19 12.14 -22.73
C ASP B 72 -42.76 10.83 -23.40
N ASN B 73 -41.70 10.22 -22.87
CA ASN B 73 -41.14 9.01 -23.46
C ASN B 73 -41.90 7.76 -23.05
N THR B 74 -42.74 7.84 -22.01
CA THR B 74 -43.52 6.68 -21.60
C THR B 74 -44.68 6.44 -22.57
N LYS B 75 -45.52 7.45 -22.76
CA LYS B 75 -46.63 7.35 -23.71
C LYS B 75 -46.23 7.71 -25.12
N ASN B 76 -44.97 8.08 -25.34
CA ASN B 76 -44.42 8.33 -26.68
C ASN B 76 -45.15 9.48 -27.38
N THR B 77 -45.25 10.62 -26.68
CA THR B 77 -45.96 11.76 -27.25
C THR B 77 -45.19 13.05 -26.98
N VAL B 78 -45.01 13.86 -28.01
CA VAL B 78 -44.40 15.18 -27.85
C VAL B 78 -45.47 16.23 -28.13
N SER B 79 -45.60 17.17 -27.21
CA SER B 79 -46.70 18.13 -27.20
C SER B 79 -46.19 19.55 -27.27
N LEU B 80 -46.95 20.40 -27.95
CA LEU B 80 -46.68 21.82 -28.09
C LEU B 80 -47.92 22.57 -27.62
N GLN B 81 -47.76 23.40 -26.60
CA GLN B 81 -48.84 24.24 -26.08
C GLN B 81 -48.66 25.65 -26.61
N MET B 82 -49.67 26.13 -27.33
CA MET B 82 -49.65 27.45 -27.94
C MET B 82 -50.58 28.37 -27.16
N ASP B 83 -50.11 29.60 -26.91
CA ASP B 83 -50.90 30.61 -26.23
C ASP B 83 -50.94 31.86 -27.09
N SER B 84 -52.10 32.53 -27.07
CA SER B 84 -52.31 33.76 -27.84
C SER B 84 -52.10 33.52 -29.33
N LEU B 85 -52.97 32.68 -29.90
CA LEU B 85 -52.90 32.33 -31.32
C LEU B 85 -53.42 33.50 -32.15
N LYS B 86 -52.53 34.46 -32.38
CA LYS B 86 -52.82 35.57 -33.27
C LYS B 86 -52.76 35.07 -34.71
N PRO B 87 -53.13 35.92 -35.69
CA PRO B 87 -52.94 35.54 -37.10
C PRO B 87 -51.53 35.07 -37.43
N GLU B 88 -51.38 34.46 -38.60
CA GLU B 88 -50.19 33.77 -39.12
C GLU B 88 -50.02 32.40 -38.47
N ASP B 89 -50.86 32.03 -37.50
CA ASP B 89 -50.88 30.68 -36.96
C ASP B 89 -51.85 29.77 -37.70
N THR B 90 -52.60 30.30 -38.66
CA THR B 90 -53.54 29.52 -39.45
C THR B 90 -52.72 28.67 -40.41
N ALA B 91 -52.33 27.49 -39.96
CA ALA B 91 -51.39 26.67 -40.72
C ALA B 91 -51.56 25.21 -40.35
N VAL B 92 -50.97 24.36 -41.16
CA VAL B 92 -50.90 22.93 -40.87
C VAL B 92 -49.59 22.66 -40.14
N TYR B 93 -49.68 22.00 -38.98
CA TYR B 93 -48.53 21.73 -38.14
C TYR B 93 -48.11 20.27 -38.32
N TYR B 94 -46.85 20.06 -38.67
CA TYR B 94 -46.29 18.74 -38.88
C TYR B 94 -45.25 18.45 -37.81
N CYS B 95 -45.23 17.21 -37.33
CA CYS B 95 -44.28 16.76 -36.33
C CYS B 95 -43.23 15.89 -37.02
N ALA B 96 -41.97 16.22 -36.81
CA ALA B 96 -40.86 15.55 -37.48
C ALA B 96 -39.88 15.02 -36.43
N ALA B 97 -39.20 13.93 -36.78
CA ALA B 97 -38.27 13.26 -35.89
C ALA B 97 -36.99 12.93 -36.62
N ARG B 98 -35.90 12.84 -35.86
CA ARG B 98 -34.60 12.52 -36.44
C ARG B 98 -33.68 11.98 -35.36
N ARG B 99 -32.99 10.88 -35.66
CA ARG B 99 -32.06 10.28 -34.70
C ARG B 99 -30.62 10.74 -34.91
N TYR B 100 -30.13 10.71 -36.16
CA TYR B 100 -28.77 11.13 -36.48
C TYR B 100 -28.80 12.36 -37.35
N GLY B 101 -28.00 13.36 -36.99
CA GLY B 101 -28.00 14.61 -37.75
C GLY B 101 -26.81 15.46 -37.38
N GLY B 102 -26.77 16.65 -37.96
CA GLY B 102 -25.64 17.55 -37.77
C GLY B 102 -26.03 18.89 -37.18
N THR B 103 -25.24 19.93 -37.47
CA THR B 103 -25.49 21.24 -36.89
C THR B 103 -26.74 21.90 -37.48
N ASP B 104 -27.11 21.51 -38.69
CA ASP B 104 -28.30 22.06 -39.34
C ASP B 104 -29.52 21.28 -38.88
N TYR B 105 -30.40 21.92 -38.11
CA TYR B 105 -31.61 21.29 -37.62
C TYR B 105 -32.86 22.07 -37.99
N THR B 106 -32.75 23.07 -38.86
CA THR B 106 -33.88 23.90 -39.27
C THR B 106 -34.41 23.57 -40.65
N THR B 107 -33.53 23.21 -41.59
CA THR B 107 -33.97 22.85 -42.92
C THR B 107 -34.81 21.58 -42.88
N THR B 108 -35.88 21.55 -43.67
CA THR B 108 -36.80 20.41 -43.66
C THR B 108 -36.12 19.11 -44.04
N GLY B 109 -35.00 19.17 -44.76
CA GLY B 109 -34.32 17.95 -45.16
C GLY B 109 -33.57 17.26 -44.04
N SER B 110 -33.24 17.99 -42.98
CA SER B 110 -32.48 17.39 -41.88
C SER B 110 -33.28 16.29 -41.20
N TYR B 111 -34.56 16.52 -40.95
CA TYR B 111 -35.39 15.54 -40.25
C TYR B 111 -35.87 14.49 -41.23
N ASP B 112 -35.69 13.22 -40.86
CA ASP B 112 -35.97 12.11 -41.76
C ASP B 112 -37.43 11.70 -41.76
N TYR B 113 -38.05 11.60 -40.59
CA TYR B 113 -39.39 11.07 -40.46
C TYR B 113 -40.38 12.21 -40.27
N TRP B 114 -41.42 12.25 -41.11
CA TRP B 114 -42.39 13.33 -41.11
C TRP B 114 -43.78 12.78 -40.88
N GLY B 115 -44.64 13.63 -40.32
CA GLY B 115 -46.02 13.29 -40.07
C GLY B 115 -46.95 13.80 -41.16
N GLN B 116 -48.26 13.66 -40.89
CA GLN B 116 -49.28 14.08 -41.83
C GLN B 116 -49.81 15.48 -41.56
N GLY B 117 -49.61 16.01 -40.37
CA GLY B 117 -50.00 17.38 -40.05
C GLY B 117 -51.41 17.48 -39.52
N THR B 118 -51.62 18.49 -38.67
CA THR B 118 -52.94 18.83 -38.14
C THR B 118 -53.20 20.29 -38.40
N GLN B 119 -54.42 20.61 -38.82
CA GLN B 119 -54.75 21.98 -39.21
C GLN B 119 -55.13 22.80 -38.00
N VAL B 120 -54.62 24.03 -37.93
CA VAL B 120 -54.98 24.98 -36.89
C VAL B 120 -55.43 26.27 -37.56
N THR B 121 -56.64 26.73 -37.21
CA THR B 121 -57.21 27.94 -37.78
C THR B 121 -57.42 28.98 -36.68
N VAL B 122 -57.35 30.25 -37.08
CA VAL B 122 -57.57 31.38 -36.20
C VAL B 122 -58.54 32.33 -36.88
N SER B 123 -59.56 32.77 -36.17
CA SER B 123 -60.54 33.72 -36.67
C SER B 123 -60.44 35.02 -35.87
N SER B 124 -60.38 36.13 -36.58
CA SER B 124 -60.27 37.44 -35.96
C SER B 124 -61.60 37.88 -35.35
N GLN C 1 41.63 -24.74 6.76
CA GLN C 1 42.53 -24.96 7.89
C GLN C 1 43.15 -23.64 8.36
N VAL C 2 42.66 -23.12 9.48
CA VAL C 2 43.15 -21.87 10.04
C VAL C 2 43.49 -22.08 11.51
N GLN C 3 44.38 -21.22 12.01
CA GLN C 3 44.82 -21.27 13.39
C GLN C 3 44.83 -19.86 13.96
N LEU C 4 44.73 -19.77 15.28
CA LEU C 4 44.77 -18.50 15.99
C LEU C 4 46.04 -18.45 16.85
N VAL C 5 46.83 -17.40 16.65
CA VAL C 5 48.20 -17.38 17.17
C VAL C 5 48.21 -17.29 18.69
N GLU C 6 47.41 -16.38 19.26
CA GLU C 6 47.43 -16.04 20.69
C GLU C 6 48.74 -15.37 21.08
N SER C 7 48.65 -14.20 21.72
CA SER C 7 49.86 -13.49 22.13
C SER C 7 50.50 -14.13 23.34
N GLY C 8 49.71 -14.60 24.30
CA GLY C 8 50.25 -15.22 25.49
C GLY C 8 50.13 -14.34 26.72
N GLY C 9 49.72 -14.93 27.84
CA GLY C 9 49.59 -14.19 29.08
C GLY C 9 50.71 -14.48 30.05
N GLY C 10 50.38 -15.20 31.12
CA GLY C 10 51.37 -15.55 32.12
C GLY C 10 50.87 -15.35 33.54
N SER C 11 51.79 -15.02 34.45
CA SER C 11 51.46 -14.74 35.84
C SER C 11 51.64 -13.25 36.10
N VAL C 12 50.59 -12.61 36.59
CA VAL C 12 50.59 -11.17 36.83
C VAL C 12 50.05 -10.89 38.23
N GLN C 13 50.46 -9.74 38.77
CA GLN C 13 49.95 -9.30 40.05
C GLN C 13 48.58 -8.64 39.87
N PRO C 14 47.74 -8.65 40.90
CA PRO C 14 46.43 -8.00 40.79
C PRO C 14 46.58 -6.51 40.47
N GLY C 15 45.75 -6.05 39.53
CA GLY C 15 45.71 -4.63 39.20
C GLY C 15 46.70 -4.20 38.13
N GLU C 16 46.69 -4.85 36.99
CA GLU C 16 47.51 -4.44 35.85
C GLU C 16 46.84 -4.94 34.57
N SER C 17 47.56 -4.80 33.45
CA SER C 17 47.03 -5.12 32.13
C SER C 17 47.70 -6.37 31.57
N LEU C 18 47.05 -6.96 30.58
CA LEU C 18 47.54 -8.17 29.93
C LEU C 18 47.79 -7.99 28.45
N ARG C 19 46.92 -7.27 27.73
CA ARG C 19 47.08 -7.01 26.30
C ARG C 19 47.14 -8.32 25.50
N LEU C 20 46.04 -9.06 25.56
CA LEU C 20 45.94 -10.35 24.90
C LEU C 20 45.62 -10.14 23.43
N SER C 21 46.55 -10.52 22.55
CA SER C 21 46.38 -10.37 21.11
C SER C 21 46.20 -11.72 20.47
N CYS C 22 45.17 -11.85 19.63
CA CYS C 22 44.89 -13.07 18.89
C CYS C 22 44.90 -12.76 17.40
N GLN C 23 45.82 -13.37 16.68
CA GLN C 23 45.96 -13.15 15.24
C GLN C 23 45.55 -14.42 14.50
N ALA C 24 44.84 -14.24 13.39
CA ALA C 24 44.30 -15.36 12.64
C ALA C 24 45.36 -15.94 11.71
N SER C 25 44.96 -16.91 10.90
CA SER C 25 45.82 -17.60 9.95
C SER C 25 45.97 -16.79 8.66
N GLY C 26 46.40 -17.46 7.60
CA GLY C 26 46.71 -16.80 6.35
C GLY C 26 45.50 -16.71 5.43
N ARG C 27 45.44 -17.57 4.41
CA ARG C 27 44.39 -17.51 3.40
C ARG C 27 43.01 -17.38 4.05
N ILE C 28 42.37 -16.23 3.84
CA ILE C 28 41.12 -15.88 4.50
C ILE C 28 40.34 -14.95 3.59
N VAL C 29 39.06 -15.23 3.39
CA VAL C 29 38.21 -14.38 2.58
C VAL C 29 37.53 -13.31 3.42
N ASP C 30 36.90 -13.71 4.52
CA ASP C 30 36.24 -12.76 5.41
C ASP C 30 36.31 -13.26 6.84
N VAL C 31 36.22 -12.32 7.78
CA VAL C 31 36.07 -12.62 9.20
C VAL C 31 34.92 -11.77 9.72
N ASN C 32 33.86 -12.41 10.20
CA ASN C 32 32.68 -11.69 10.67
C ASN C 32 32.81 -11.19 12.10
N ASP C 33 32.94 -12.11 13.06
CA ASP C 33 32.95 -11.77 14.47
C ASP C 33 34.05 -12.53 15.16
N MET C 34 34.58 -11.95 16.24
CA MET C 34 35.61 -12.61 17.03
C MET C 34 35.41 -12.30 18.51
N ALA C 35 35.63 -13.31 19.34
CA ALA C 35 35.32 -13.22 20.76
C ALA C 35 36.44 -13.83 21.58
N TRP C 36 36.43 -13.50 22.87
CA TRP C 36 37.41 -13.99 23.84
C TRP C 36 36.66 -14.74 24.93
N TYR C 37 36.57 -16.06 24.79
CA TYR C 37 35.93 -16.86 25.81
C TYR C 37 36.92 -17.19 26.92
N ARG C 38 36.38 -17.54 28.08
CA ARG C 38 37.21 -17.83 29.25
C ARG C 38 36.70 -19.08 29.93
N GLN C 39 37.63 -19.95 30.34
CA GLN C 39 37.32 -21.17 31.06
C GLN C 39 38.10 -21.16 32.36
N ALA C 40 37.39 -21.04 33.47
CA ALA C 40 38.00 -21.04 34.79
C ALA C 40 38.16 -22.47 35.29
N PRO C 41 39.02 -22.69 36.29
CA PRO C 41 39.09 -24.03 36.90
C PRO C 41 37.88 -24.33 37.77
N GLY C 42 36.87 -23.48 37.69
CA GLY C 42 35.65 -23.66 38.46
C GLY C 42 34.51 -24.26 37.66
N LYS C 43 33.57 -23.43 37.22
CA LYS C 43 32.32 -23.88 36.64
C LYS C 43 32.28 -23.54 35.15
N GLN C 44 32.78 -24.47 34.32
CA GLN C 44 32.63 -24.42 32.87
C GLN C 44 33.25 -23.18 32.26
N ARG C 45 33.05 -22.98 30.96
CA ARG C 45 33.54 -21.82 30.25
C ARG C 45 32.44 -20.75 30.17
N GLU C 46 32.86 -19.53 29.87
CA GLU C 46 31.94 -18.41 29.77
C GLU C 46 32.47 -17.43 28.73
N LEU C 47 31.74 -16.34 28.53
CA LEU C 47 32.09 -15.30 27.57
C LEU C 47 32.59 -14.06 28.31
N VAL C 48 33.66 -13.46 27.80
CA VAL C 48 34.19 -12.21 28.31
C VAL C 48 33.84 -11.05 27.41
N ALA C 49 34.16 -11.15 26.12
CA ALA C 49 33.87 -10.08 25.18
C ALA C 49 33.72 -10.66 23.79
N ARG C 50 32.92 -9.97 22.97
CA ARG C 50 32.72 -10.33 21.57
C ARG C 50 32.63 -9.05 20.75
N ILE C 51 33.31 -9.00 19.62
CA ILE C 51 33.38 -7.84 18.76
C ILE C 51 33.02 -8.24 17.35
N ALA C 52 32.29 -7.37 16.66
CA ALA C 52 31.83 -7.60 15.30
C ALA C 52 32.57 -6.69 14.33
N ARG C 53 32.41 -6.98 13.04
CA ARG C 53 33.03 -6.15 12.01
C ARG C 53 32.47 -4.73 12.05
N GLY C 54 31.23 -4.56 12.46
CA GLY C 54 30.58 -3.28 12.56
C GLY C 54 30.78 -2.54 13.86
N GLY C 55 31.61 -3.08 14.76
CA GLY C 55 31.95 -2.41 15.99
C GLY C 55 31.05 -2.69 17.18
N SER C 56 29.96 -3.43 17.00
CA SER C 56 29.10 -3.77 18.12
C SER C 56 29.84 -4.68 19.09
N THR C 57 29.55 -4.50 20.38
CA THR C 57 30.28 -5.19 21.44
C THR C 57 29.31 -5.91 22.36
N HIS C 58 29.67 -7.13 22.73
CA HIS C 58 28.88 -7.94 23.66
C HIS C 58 29.79 -8.37 24.80
N TYR C 59 29.56 -7.82 25.99
CA TYR C 59 30.43 -8.07 27.14
C TYR C 59 29.85 -9.16 28.05
N GLY C 60 30.71 -9.64 28.95
CA GLY C 60 30.33 -10.66 29.91
C GLY C 60 29.81 -10.08 31.21
N ASP C 61 29.74 -10.95 32.22
CA ASP C 61 29.20 -10.55 33.52
C ASP C 61 30.23 -9.82 34.38
N SER C 62 31.48 -9.70 33.94
CA SER C 62 32.49 -8.99 34.68
C SER C 62 33.34 -8.07 33.80
N ALA C 63 33.01 -7.94 32.52
CA ALA C 63 33.78 -7.10 31.60
C ALA C 63 33.25 -5.69 31.48
N TRP C 64 32.16 -5.35 32.18
CA TRP C 64 31.54 -4.04 32.04
C TRP C 64 32.36 -3.04 32.85
N GLY C 65 33.42 -2.55 32.23
CA GLY C 65 34.30 -1.56 32.83
C GLY C 65 35.70 -2.03 33.15
N ARG C 66 36.06 -3.28 32.87
CA ARG C 66 37.39 -3.79 33.18
C ARG C 66 38.18 -4.21 31.95
N PHE C 67 37.57 -4.97 31.05
CA PHE C 67 38.24 -5.45 29.85
C PHE C 67 37.54 -4.88 28.61
N THR C 68 38.33 -4.38 27.67
CA THR C 68 37.82 -3.86 26.41
C THR C 68 38.32 -4.72 25.26
N ILE C 69 37.60 -4.66 24.14
CA ILE C 69 37.93 -5.46 22.97
C ILE C 69 38.04 -4.53 21.76
N SER C 70 39.09 -4.73 20.96
CA SER C 70 39.35 -3.92 19.79
C SER C 70 39.64 -4.82 18.60
N ARG C 71 39.22 -4.38 17.41
CA ARG C 71 39.35 -5.20 16.22
C ARG C 71 40.63 -4.89 15.44
N ASP C 72 40.75 -3.68 14.90
CA ASP C 72 41.83 -3.36 13.97
C ASP C 72 41.88 -4.36 12.83
N ASN C 73 40.81 -4.34 12.03
CA ASN C 73 40.53 -5.33 10.98
C ASN C 73 41.53 -5.29 9.83
N THR C 74 42.61 -4.51 9.92
CA THR C 74 43.60 -4.47 8.86
C THR C 74 44.24 -5.84 8.65
N ARG C 75 44.57 -6.54 9.74
CA ARG C 75 45.26 -7.82 9.68
C ARG C 75 44.49 -8.91 10.40
N ASN C 76 43.15 -8.86 10.33
CA ASN C 76 42.25 -9.84 10.95
C ASN C 76 42.75 -10.30 12.32
N THR C 77 42.98 -9.31 13.19
CA THR C 77 43.50 -9.53 14.53
C THR C 77 42.45 -9.04 15.53
N VAL C 78 42.56 -9.51 16.78
CA VAL C 78 41.72 -9.01 17.86
C VAL C 78 42.60 -8.75 19.08
N TYR C 79 42.23 -7.72 19.85
CA TYR C 79 42.95 -7.36 21.05
C TYR C 79 41.99 -7.25 22.23
N LEU C 80 42.42 -7.75 23.38
CA LEU C 80 41.67 -7.64 24.62
C LEU C 80 42.55 -6.94 25.65
N GLN C 81 42.02 -5.86 26.23
CA GLN C 81 42.73 -5.07 27.23
C GLN C 81 42.13 -5.35 28.60
N MET C 82 42.99 -5.61 29.57
CA MET C 82 42.61 -6.05 30.90
C MET C 82 42.96 -4.97 31.92
N THR C 83 42.04 -4.67 32.83
CA THR C 83 42.29 -3.67 33.86
C THR C 83 41.70 -4.14 35.18
N SER C 84 42.35 -3.74 36.27
CA SER C 84 41.88 -4.00 37.63
C SER C 84 41.63 -5.49 37.86
N LEU C 85 42.63 -6.31 37.52
CA LEU C 85 42.52 -7.74 37.71
C LEU C 85 42.49 -8.12 39.18
N ASN C 86 41.76 -9.19 39.48
CA ASN C 86 41.66 -9.75 40.82
C ASN C 86 42.04 -11.22 40.78
N VAL C 87 42.05 -11.86 41.96
CA VAL C 87 42.50 -13.24 42.07
C VAL C 87 41.55 -14.23 41.41
N GLU C 88 40.38 -13.78 40.96
CA GLU C 88 39.41 -14.67 40.32
C GLU C 88 39.55 -14.72 38.81
N ASP C 89 40.55 -14.03 38.25
CA ASP C 89 40.76 -14.01 36.81
C ASP C 89 41.69 -15.12 36.32
N THR C 90 42.16 -15.98 37.22
CA THR C 90 43.03 -17.10 36.82
C THR C 90 42.20 -18.10 36.05
N ALA C 91 42.48 -18.24 34.75
CA ALA C 91 41.69 -19.10 33.88
C ALA C 91 42.49 -19.33 32.59
N VAL C 92 41.83 -19.95 31.61
CA VAL C 92 42.39 -20.17 30.28
C VAL C 92 41.52 -19.41 29.29
N TYR C 93 42.14 -18.57 28.47
CA TYR C 93 41.43 -17.72 27.55
C TYR C 93 41.54 -18.28 26.14
N TYR C 94 40.41 -18.39 25.47
CA TYR C 94 40.31 -18.98 24.14
C TYR C 94 39.83 -17.93 23.14
N CYS C 95 40.41 -17.95 21.94
CA CYS C 95 40.01 -17.05 20.88
C CYS C 95 39.00 -17.74 19.99
N ASN C 96 37.90 -17.06 19.70
CA ASN C 96 36.82 -17.59 18.88
C ASN C 96 36.68 -16.72 17.64
N GLY C 97 36.62 -17.35 16.47
CA GLY C 97 36.51 -16.62 15.23
C GLY C 97 35.53 -17.28 14.29
N GLU C 98 35.05 -16.49 13.33
CA GLU C 98 34.17 -16.97 12.26
C GLU C 98 34.83 -16.60 10.94
N VAL C 99 35.35 -17.61 10.23
CA VAL C 99 36.27 -17.38 9.12
C VAL C 99 35.76 -18.11 7.87
N LYS C 100 35.89 -17.45 6.72
CA LYS C 100 35.77 -18.09 5.42
C LYS C 100 37.15 -18.44 4.90
N VAL C 101 37.24 -19.53 4.14
CA VAL C 101 38.52 -20.01 3.65
C VAL C 101 38.54 -20.06 2.14
N GLY C 102 37.59 -20.77 1.55
CA GLY C 102 37.60 -20.98 0.12
C GLY C 102 37.33 -19.74 -0.72
N THR C 103 36.11 -19.24 -0.65
CA THR C 103 35.68 -18.11 -1.47
C THR C 103 34.43 -17.51 -0.83
N ARG C 104 33.76 -16.63 -1.59
CA ARG C 104 32.53 -16.02 -1.09
C ARG C 104 31.45 -17.06 -0.84
N LEU C 105 31.35 -18.07 -1.71
CA LEU C 105 30.33 -19.09 -1.56
C LEU C 105 30.61 -20.04 -0.40
N SER C 106 31.83 -20.02 0.14
CA SER C 106 32.13 -20.88 1.27
C SER C 106 31.39 -20.40 2.52
N PRO C 107 30.92 -21.30 3.37
CA PRO C 107 30.23 -20.89 4.59
C PRO C 107 31.19 -20.36 5.65
N PHE C 108 30.64 -19.59 6.57
CA PHE C 108 31.41 -19.11 7.72
C PHE C 108 31.59 -20.23 8.73
N ARG C 109 32.83 -20.56 9.04
CA ARG C 109 33.13 -21.65 9.94
C ARG C 109 33.67 -21.10 11.25
N THR C 110 33.17 -21.63 12.36
CA THR C 110 33.63 -21.20 13.68
C THR C 110 34.89 -21.97 14.06
N TYR C 111 35.89 -21.25 14.56
CA TYR C 111 37.17 -21.82 14.93
C TYR C 111 37.57 -21.35 16.32
N TRP C 112 38.16 -22.26 17.09
CA TRP C 112 38.67 -21.99 18.42
C TRP C 112 40.18 -22.02 18.43
N GLY C 113 40.76 -21.52 19.52
CA GLY C 113 42.19 -21.44 19.67
C GLY C 113 42.70 -22.34 20.79
N ARG C 114 44.03 -22.48 20.82
CA ARG C 114 44.67 -23.28 21.85
C ARG C 114 44.42 -22.68 23.24
N GLY C 115 44.52 -21.36 23.36
CA GLY C 115 44.26 -20.69 24.61
C GLY C 115 45.54 -20.33 25.35
N THR C 116 45.41 -19.38 26.27
CA THR C 116 46.53 -18.93 27.09
C THR C 116 46.12 -18.91 28.55
N GLN C 117 47.06 -19.26 29.41
CA GLN C 117 46.80 -19.31 30.86
C GLN C 117 47.10 -17.95 31.47
N VAL C 118 46.16 -17.44 32.28
CA VAL C 118 46.34 -16.19 33.01
C VAL C 118 46.13 -16.48 34.48
N THR C 119 47.15 -16.22 35.30
CA THR C 119 47.10 -16.46 36.73
C THR C 119 47.36 -15.16 37.47
N VAL C 120 46.52 -14.87 38.46
CA VAL C 120 46.64 -13.68 39.29
C VAL C 120 46.77 -14.16 40.73
N SER C 121 47.95 -13.99 41.31
CA SER C 121 48.20 -14.40 42.68
C SER C 121 49.23 -13.48 43.31
N SER C 122 49.17 -13.37 44.64
CA SER C 122 50.13 -12.57 45.40
C SER C 122 51.29 -13.42 45.88
N HIS C 123 51.95 -14.10 44.96
CA HIS C 123 53.06 -14.98 45.31
C HIS C 123 54.06 -15.07 44.16
#